data_4TZO
#
_entry.id   4TZO
#
_cell.length_a   66.897
_cell.length_b   107.873
_cell.length_c   82.968
_cell.angle_alpha   90.00
_cell.angle_beta   90.10
_cell.angle_gamma   90.00
#
_symmetry.space_group_name_H-M   'P 1 21 1'
#
loop_
_entity.id
_entity.type
_entity.pdbx_description
1 polymer 'Protein HTP-1'
2 polymer 'C. elegans HIM-3 closure motif'
3 water water
#
loop_
_entity_poly.entity_id
_entity_poly.type
_entity_poly.pdbx_seq_one_letter_code
_entity_poly.pdbx_strand_id
1 'polypeptide(L)'
;MAPLETIYDESLNKSADSIDDKKWSKLFPRIVSDPDRSSNFMTRAIYVAFSAVLRNRNILGQEYFTKNYITEKLKCMTLC
FRNLRSNQIAQLLRNAGDATKDGFLKEVSLVITNNEGDLEAIEVFSMKFIYFENGGVVARLSTDKNGQEDPHFAKLAQLV
YEGGDSVRDQMVTIVRSVQFLCTKVLEPLPEEFTANFRLEYTNDAPSNFRIDGFEDSSTFYTLPDDIQSATIGHLRPGCH
AANMECWSMLMSD
;
A,C,E,G
2 'polypeptide(L)' SNARDSPYGLSQGITKKNKD B,D,F,H
#
# COMPACT_ATOMS: atom_id res chain seq x y z
N ASP A 17 -22.31 -39.61 -3.69
CA ASP A 17 -21.90 -38.45 -4.48
C ASP A 17 -20.60 -37.87 -3.95
N SER A 18 -19.48 -38.44 -4.38
CA SER A 18 -18.16 -37.95 -3.96
C SER A 18 -17.17 -38.11 -5.09
N ILE A 19 -16.09 -37.32 -5.04
CA ILE A 19 -15.02 -37.44 -6.01
C ILE A 19 -13.92 -38.34 -5.45
N ASP A 20 -13.79 -39.54 -6.02
CA ASP A 20 -12.91 -40.56 -5.44
C ASP A 20 -11.51 -40.55 -6.03
N ASP A 21 -11.21 -39.55 -6.84
CA ASP A 21 -9.88 -39.40 -7.43
C ASP A 21 -8.85 -39.24 -6.32
N LYS A 22 -7.80 -40.05 -6.36
CA LYS A 22 -6.77 -40.03 -5.32
C LYS A 22 -6.01 -38.71 -5.26
N LYS A 23 -5.77 -38.13 -6.42
CA LYS A 23 -5.02 -36.88 -6.51
C LYS A 23 -5.86 -35.67 -6.13
N TRP A 24 -7.13 -35.69 -6.53
CA TRP A 24 -8.07 -34.59 -6.31
C TRP A 24 -8.23 -34.25 -4.83
N SER A 25 -8.07 -35.26 -3.99
CA SER A 25 -8.31 -35.13 -2.55
C SER A 25 -7.35 -34.18 -1.83
N LYS A 26 -6.17 -33.96 -2.41
CA LYS A 26 -5.16 -33.13 -1.76
C LYS A 26 -5.53 -31.65 -1.80
N LEU A 27 -5.84 -31.15 -2.99
CA LEU A 27 -6.12 -29.72 -3.14
C LEU A 27 -7.60 -29.38 -2.95
N PHE A 28 -8.47 -30.36 -3.14
CA PHE A 28 -9.90 -30.10 -3.13
C PHE A 28 -10.67 -30.97 -2.14
N PRO A 29 -11.88 -30.53 -1.75
CA PRO A 29 -12.76 -31.42 -1.00
C PRO A 29 -13.26 -32.55 -1.89
N ARG A 30 -13.51 -33.71 -1.30
CA ARG A 30 -14.06 -34.84 -2.03
C ARG A 30 -15.55 -34.69 -2.27
N ILE A 31 -16.17 -33.79 -1.50
CA ILE A 31 -17.61 -33.54 -1.56
C ILE A 31 -17.87 -32.05 -1.73
N VAL A 32 -18.76 -31.69 -2.65
CA VAL A 32 -19.00 -30.29 -2.96
C VAL A 32 -20.48 -29.93 -3.00
N SER A 33 -21.31 -30.75 -2.38
CA SER A 33 -22.76 -30.59 -2.47
C SER A 33 -23.33 -29.74 -1.34
N ASP A 34 -22.64 -29.68 -0.21
CA ASP A 34 -23.12 -28.91 0.93
C ASP A 34 -22.54 -27.50 0.93
N PRO A 35 -23.26 -26.52 1.50
CA PRO A 35 -22.85 -25.11 1.49
C PRO A 35 -21.38 -24.85 1.85
N ASP A 36 -20.91 -25.38 2.96
CA ASP A 36 -19.54 -25.10 3.42
C ASP A 36 -18.48 -25.54 2.42
N ARG A 37 -18.59 -26.80 1.98
CA ARG A 37 -17.63 -27.37 1.07
C ARG A 37 -17.80 -26.83 -0.35
N SER A 38 -19.02 -26.41 -0.67
CA SER A 38 -19.28 -25.77 -1.96
C SER A 38 -18.56 -24.44 -2.02
N SER A 39 -18.61 -23.70 -0.92
CA SER A 39 -17.89 -22.45 -0.79
C SER A 39 -16.39 -22.67 -0.69
N ASN A 40 -16.01 -23.73 0.02
CA ASN A 40 -14.60 -24.05 0.21
C ASN A 40 -13.94 -24.51 -1.08
N PHE A 41 -14.69 -25.25 -1.90
CA PHE A 41 -14.18 -25.66 -3.21
C PHE A 41 -13.87 -24.44 -4.05
N MET A 42 -14.76 -23.46 -3.99
CA MET A 42 -14.60 -22.21 -4.73
C MET A 42 -13.30 -21.52 -4.35
N THR A 43 -12.98 -21.54 -3.06
CA THR A 43 -11.76 -20.94 -2.55
C THR A 43 -10.54 -21.66 -3.13
N ARG A 44 -10.63 -22.99 -3.19
CA ARG A 44 -9.59 -23.81 -3.79
C ARG A 44 -9.61 -23.65 -5.31
N ALA A 45 -10.78 -23.41 -5.86
CA ALA A 45 -10.93 -23.19 -7.30
C ALA A 45 -10.18 -21.93 -7.73
N ILE A 46 -10.43 -20.83 -7.03
CA ILE A 46 -9.77 -19.56 -7.27
C ILE A 46 -8.26 -19.70 -7.18
N TYR A 47 -7.79 -20.43 -6.18
CA TYR A 47 -6.37 -20.64 -5.94
C TYR A 47 -5.66 -21.35 -7.09
N VAL A 48 -6.23 -22.45 -7.56
CA VAL A 48 -5.61 -23.24 -8.62
C VAL A 48 -5.66 -22.54 -9.97
N ALA A 49 -6.83 -22.00 -10.31
CA ALA A 49 -7.03 -21.38 -11.63
C ALA A 49 -6.12 -20.15 -11.82
N PHE A 50 -6.05 -19.29 -10.81
CA PHE A 50 -5.22 -18.10 -10.92
C PHE A 50 -3.75 -18.42 -10.76
N SER A 51 -3.43 -19.53 -10.11
CA SER A 51 -2.06 -20.01 -10.08
C SER A 51 -1.61 -20.36 -11.50
N ALA A 52 -2.43 -21.14 -12.19
CA ALA A 52 -2.12 -21.53 -13.56
C ALA A 52 -2.02 -20.32 -14.47
N VAL A 53 -2.96 -19.39 -14.32
CA VAL A 53 -2.94 -18.16 -15.11
C VAL A 53 -1.66 -17.36 -14.89
N LEU A 54 -1.31 -17.14 -13.63
CA LEU A 54 -0.09 -16.41 -13.29
C LEU A 54 1.15 -17.11 -13.83
N ARG A 55 1.19 -18.43 -13.66
CA ARG A 55 2.31 -19.25 -14.10
C ARG A 55 2.41 -19.30 -15.62
N ASN A 56 1.31 -19.61 -16.30
CA ASN A 56 1.35 -19.84 -17.73
C ASN A 56 1.41 -18.56 -18.57
N ARG A 57 1.07 -17.43 -17.96
CA ARG A 57 1.26 -16.13 -18.62
C ARG A 57 2.63 -15.56 -18.25
N ASN A 58 3.36 -16.32 -17.43
CA ASN A 58 4.67 -15.94 -16.94
C ASN A 58 4.68 -14.58 -16.26
N ILE A 59 3.65 -14.32 -15.45
CA ILE A 59 3.62 -13.15 -14.60
C ILE A 59 4.57 -13.39 -13.43
N LEU A 60 4.59 -14.63 -12.95
CA LEU A 60 5.56 -15.07 -11.95
C LEU A 60 6.38 -16.24 -12.48
N GLY A 61 7.62 -16.35 -12.02
CA GLY A 61 8.51 -17.42 -12.43
C GLY A 61 8.19 -18.73 -11.75
N GLN A 62 8.81 -19.81 -12.20
CA GLN A 62 8.49 -21.14 -11.71
C GLN A 62 8.67 -21.21 -10.21
N GLU A 63 9.67 -20.53 -9.69
CA GLU A 63 10.08 -20.70 -8.31
C GLU A 63 9.04 -20.23 -7.30
N TYR A 64 7.89 -19.76 -7.77
CA TYR A 64 6.80 -19.40 -6.87
C TYR A 64 5.70 -20.45 -6.88
N PHE A 65 5.96 -21.54 -7.58
CA PHE A 65 4.93 -22.56 -7.78
C PHE A 65 5.39 -23.98 -7.42
N THR A 66 4.46 -24.74 -6.85
CA THR A 66 4.71 -26.15 -6.57
C THR A 66 3.93 -27.03 -7.54
N LYS A 67 4.61 -27.98 -8.15
CA LYS A 67 3.96 -28.96 -9.00
C LYS A 67 2.97 -29.78 -8.19
N ASN A 68 1.72 -29.75 -8.61
CA ASN A 68 0.65 -30.47 -7.92
C ASN A 68 -0.21 -31.23 -8.90
N TYR A 69 -0.94 -32.20 -8.38
CA TYR A 69 -1.92 -32.94 -9.16
C TYR A 69 -3.29 -32.33 -8.94
N ILE A 70 -4.08 -32.27 -10.01
CA ILE A 70 -5.48 -31.93 -9.89
C ILE A 70 -6.28 -33.22 -10.00
N THR A 71 -5.95 -34.02 -10.98
CA THR A 71 -6.45 -35.39 -11.09
C THR A 71 -5.31 -36.28 -11.53
N GLU A 72 -5.60 -37.56 -11.75
CA GLU A 72 -4.60 -38.50 -12.25
C GLU A 72 -4.30 -38.21 -13.71
N LYS A 73 -5.15 -37.38 -14.32
CA LYS A 73 -4.99 -36.99 -15.71
C LYS A 73 -4.16 -35.73 -15.92
N LEU A 74 -4.18 -34.82 -14.94
CA LEU A 74 -3.70 -33.46 -15.14
C LEU A 74 -2.86 -32.92 -14.00
N LYS A 75 -1.72 -32.33 -14.33
CA LYS A 75 -0.89 -31.65 -13.36
C LYS A 75 -1.11 -30.15 -13.45
N CYS A 76 -0.55 -29.39 -12.51
CA CYS A 76 -0.64 -27.93 -12.55
C CYS A 76 0.32 -27.27 -11.57
N MET A 77 0.72 -26.04 -11.90
CA MET A 77 1.58 -25.26 -11.01
C MET A 77 0.71 -24.42 -10.10
N THR A 78 0.84 -24.64 -8.80
CA THR A 78 0.07 -23.88 -7.81
C THR A 78 1.00 -23.06 -6.93
N LEU A 79 0.50 -21.91 -6.49
CA LEU A 79 1.28 -20.96 -5.70
C LEU A 79 1.91 -21.62 -4.48
N CYS A 80 3.21 -21.41 -4.34
CA CYS A 80 3.98 -22.05 -3.28
C CYS A 80 3.71 -21.40 -1.93
N PHE A 81 3.33 -22.23 -0.96
CA PHE A 81 3.09 -21.77 0.40
C PHE A 81 4.39 -21.56 1.18
N ARG A 82 5.50 -21.99 0.59
CA ARG A 82 6.78 -21.97 1.31
C ARG A 82 7.71 -20.86 0.79
N ASN A 83 7.22 -20.09 -0.17
CA ASN A 83 7.92 -18.89 -0.61
C ASN A 83 7.19 -17.66 -0.10
N LEU A 84 7.95 -16.67 0.36
CA LEU A 84 7.40 -15.47 0.99
C LEU A 84 6.33 -14.77 0.15
N ARG A 85 6.70 -14.44 -1.08
CA ARG A 85 5.83 -13.70 -1.99
C ARG A 85 4.60 -14.50 -2.41
N SER A 86 4.82 -15.73 -2.87
CA SER A 86 3.73 -16.54 -3.40
C SER A 86 2.73 -16.88 -2.31
N ASN A 87 3.22 -16.95 -1.08
CA ASN A 87 2.36 -17.20 0.06
C ASN A 87 1.46 -16.01 0.36
N GLN A 88 1.97 -14.82 0.11
CA GLN A 88 1.20 -13.59 0.27
C GLN A 88 0.06 -13.54 -0.75
N ILE A 89 0.38 -13.89 -1.98
CA ILE A 89 -0.60 -13.90 -3.06
C ILE A 89 -1.63 -15.00 -2.85
N ALA A 90 -1.17 -16.15 -2.36
CA ALA A 90 -2.08 -17.25 -2.06
C ALA A 90 -3.04 -16.86 -0.93
N GLN A 91 -2.51 -16.12 0.05
CA GLN A 91 -3.31 -15.64 1.16
C GLN A 91 -4.35 -14.63 0.68
N LEU A 92 -3.95 -13.83 -0.29
CA LEU A 92 -4.82 -12.81 -0.88
C LEU A 92 -6.05 -13.43 -1.52
N LEU A 93 -5.83 -14.51 -2.28
CA LEU A 93 -6.92 -15.20 -2.96
C LEU A 93 -7.76 -16.00 -1.99
N ARG A 94 -7.14 -16.45 -0.91
CA ARG A 94 -7.84 -17.21 0.12
C ARG A 94 -8.84 -16.33 0.84
N ASN A 95 -8.48 -15.06 1.02
CA ASN A 95 -9.38 -14.09 1.64
C ASN A 95 -10.56 -13.78 0.74
N ALA A 96 -10.28 -13.61 -0.55
CA ALA A 96 -11.32 -13.40 -1.54
C ALA A 96 -12.25 -14.60 -1.59
N GLY A 97 -11.67 -15.79 -1.52
CA GLY A 97 -12.43 -17.02 -1.59
C GLY A 97 -13.29 -17.25 -0.36
N ASP A 98 -12.85 -16.77 0.79
CA ASP A 98 -13.60 -16.96 2.03
C ASP A 98 -14.87 -16.11 2.03
N ALA A 99 -14.87 -15.04 1.25
CA ALA A 99 -16.03 -14.15 1.14
C ALA A 99 -17.19 -14.84 0.42
N THR A 100 -16.88 -15.93 -0.28
CA THR A 100 -17.87 -16.72 -0.99
C THR A 100 -18.81 -17.43 -0.02
N LYS A 101 -18.35 -17.59 1.22
CA LYS A 101 -19.11 -18.32 2.22
C LYS A 101 -20.46 -17.66 2.53
N ASP A 102 -20.49 -16.34 2.56
CA ASP A 102 -21.71 -15.62 2.88
C ASP A 102 -22.29 -14.86 1.70
N GLY A 103 -21.80 -15.18 0.50
CA GLY A 103 -22.30 -14.55 -0.70
C GLY A 103 -21.95 -13.07 -0.81
N PHE A 104 -20.72 -12.74 -0.42
CA PHE A 104 -20.29 -11.35 -0.39
C PHE A 104 -19.37 -11.00 -1.56
N LEU A 105 -19.05 -11.99 -2.38
CA LEU A 105 -18.10 -11.79 -3.46
C LEU A 105 -18.74 -11.89 -4.84
N LYS A 106 -18.79 -10.77 -5.54
CA LYS A 106 -19.38 -10.72 -6.87
C LYS A 106 -18.40 -11.20 -7.94
N GLU A 107 -17.14 -10.81 -7.80
CA GLU A 107 -16.12 -11.12 -8.80
C GLU A 107 -14.70 -10.89 -8.28
N VAL A 108 -13.81 -11.83 -8.59
CA VAL A 108 -12.37 -11.58 -8.47
C VAL A 108 -11.76 -11.69 -9.85
N SER A 109 -10.83 -10.78 -10.16
CA SER A 109 -10.23 -10.78 -11.50
C SER A 109 -8.76 -10.37 -11.45
N LEU A 110 -7.93 -11.13 -12.14
CA LEU A 110 -6.55 -10.73 -12.36
C LEU A 110 -6.53 -9.66 -13.45
N VAL A 111 -6.13 -8.45 -13.08
CA VAL A 111 -6.19 -7.32 -14.00
C VAL A 111 -4.81 -6.84 -14.42
N ILE A 112 -4.53 -6.92 -15.72
CA ILE A 112 -3.25 -6.50 -16.25
C ILE A 112 -3.36 -5.17 -16.99
N THR A 113 -2.52 -4.22 -16.60
CA THR A 113 -2.51 -2.91 -17.23
C THR A 113 -1.10 -2.50 -17.62
N ASN A 114 -0.99 -1.37 -18.31
CA ASN A 114 0.32 -0.83 -18.64
C ASN A 114 1.01 -0.25 -17.41
N ASN A 115 0.26 0.56 -16.66
CA ASN A 115 0.80 1.23 -15.48
C ASN A 115 -0.04 0.97 -14.24
N GLU A 116 0.62 0.90 -13.09
CA GLU A 116 -0.08 0.88 -11.83
C GLU A 116 -0.52 2.29 -11.47
N GLY A 117 -1.83 2.51 -11.35
CA GLY A 117 -2.83 1.47 -11.55
C GLY A 117 -3.90 1.95 -12.50
N ASP A 118 -3.70 1.68 -13.78
CA ASP A 118 -4.61 2.13 -14.81
C ASP A 118 -6.00 1.53 -14.61
N LEU A 119 -7.01 2.25 -15.09
CA LEU A 119 -8.38 1.81 -15.00
C LEU A 119 -8.71 0.84 -16.14
N GLU A 120 -8.27 1.18 -17.34
CA GLU A 120 -8.50 0.33 -18.51
C GLU A 120 -7.44 -0.75 -18.62
N ALA A 121 -7.89 -1.98 -18.80
CA ALA A 121 -6.99 -3.14 -18.79
C ALA A 121 -6.51 -3.54 -20.18
N ILE A 122 -5.27 -4.01 -20.23
CA ILE A 122 -4.75 -4.71 -21.38
C ILE A 122 -5.35 -6.11 -21.45
N GLU A 123 -5.44 -6.74 -20.29
CA GLU A 123 -5.84 -8.14 -20.20
C GLU A 123 -6.45 -8.46 -18.83
N VAL A 124 -7.52 -9.27 -18.82
CA VAL A 124 -8.19 -9.62 -17.56
C VAL A 124 -8.60 -11.08 -17.51
N PHE A 125 -8.23 -11.75 -16.43
CA PHE A 125 -8.74 -13.09 -16.14
C PHE A 125 -9.75 -12.99 -15.01
N SER A 126 -11.04 -13.09 -15.35
CA SER A 126 -12.13 -12.90 -14.41
C SER A 126 -12.88 -14.16 -13.96
N MET A 127 -13.11 -14.28 -12.67
CA MET A 127 -14.06 -15.24 -12.14
C MET A 127 -15.24 -14.46 -11.55
N LYS A 128 -16.44 -14.80 -11.98
CA LYS A 128 -17.64 -14.08 -11.59
C LYS A 128 -18.63 -15.02 -10.91
N PHE A 129 -19.23 -14.58 -9.82
CA PHE A 129 -19.94 -15.52 -8.94
C PHE A 129 -21.43 -15.26 -8.81
N ILE A 130 -22.13 -16.28 -8.31
CA ILE A 130 -23.57 -16.26 -8.10
C ILE A 130 -23.91 -17.19 -6.94
N TYR A 131 -24.88 -16.81 -6.12
CA TYR A 131 -25.25 -17.60 -4.96
C TYR A 131 -26.69 -18.05 -5.02
N PHE A 132 -26.98 -19.17 -4.35
CA PHE A 132 -28.30 -19.79 -4.42
C PHE A 132 -28.99 -19.77 -3.05
N GLU A 133 -30.27 -19.45 -3.05
CA GLU A 133 -31.04 -19.23 -1.83
C GLU A 133 -31.02 -20.41 -0.86
N ASN A 134 -31.50 -21.57 -1.30
CA ASN A 134 -31.51 -22.76 -0.47
C ASN A 134 -31.73 -24.03 -1.29
N GLY A 135 -31.04 -25.09 -0.92
CA GLY A 135 -31.09 -26.34 -1.66
C GLY A 135 -30.14 -26.28 -2.85
N GLY A 136 -29.57 -25.11 -3.09
CA GLY A 136 -28.63 -24.89 -4.16
C GLY A 136 -29.28 -24.88 -5.54
N VAL A 137 -30.58 -24.61 -5.59
CA VAL A 137 -31.31 -24.68 -6.85
C VAL A 137 -31.64 -23.30 -7.43
N VAL A 138 -32.40 -22.49 -6.70
CA VAL A 138 -32.83 -21.19 -7.20
C VAL A 138 -31.77 -20.13 -6.92
N ALA A 139 -31.37 -19.41 -7.96
CA ALA A 139 -30.30 -18.43 -7.88
C ALA A 139 -30.74 -17.13 -7.24
N ARG A 140 -29.94 -16.64 -6.30
CA ARG A 140 -30.14 -15.33 -5.74
C ARG A 140 -29.82 -14.30 -6.83
N LEU A 141 -30.65 -13.27 -6.94
CA LEU A 141 -30.48 -12.28 -8.00
C LEU A 141 -29.23 -11.43 -7.81
N SER A 142 -28.55 -11.14 -8.92
CA SER A 142 -27.33 -10.35 -8.91
C SER A 142 -27.47 -9.20 -9.92
N THR A 143 -27.50 -7.98 -9.40
CA THR A 143 -27.83 -6.83 -10.25
C THR A 143 -26.86 -5.67 -10.16
N ASP A 144 -27.01 -4.76 -11.13
CA ASP A 144 -26.44 -3.42 -11.10
C ASP A 144 -27.08 -2.70 -9.87
N LYS A 145 -26.60 -1.55 -9.35
CA LYS A 145 -25.86 -0.39 -9.92
C LYS A 145 -26.83 0.49 -10.70
N ASN A 146 -27.68 -0.14 -11.49
CA ASN A 146 -28.75 0.53 -12.23
C ASN A 146 -30.00 -0.31 -12.09
N GLY A 147 -29.83 -1.49 -11.51
CA GLY A 147 -30.93 -2.45 -11.37
C GLY A 147 -30.93 -3.47 -12.49
N GLN A 148 -29.93 -3.39 -13.36
CA GLN A 148 -29.85 -4.30 -14.50
C GLN A 148 -29.18 -5.62 -14.14
N GLU A 149 -29.70 -6.71 -14.70
CA GLU A 149 -29.17 -8.03 -14.45
C GLU A 149 -27.70 -8.14 -14.85
N ASP A 150 -26.91 -8.81 -14.02
CA ASP A 150 -25.49 -8.99 -14.32
C ASP A 150 -25.27 -9.85 -15.56
N PRO A 151 -24.24 -9.51 -16.35
CA PRO A 151 -23.91 -10.20 -17.60
C PRO A 151 -23.68 -11.70 -17.40
N HIS A 152 -23.10 -12.07 -16.27
CA HIS A 152 -22.76 -13.46 -16.01
C HIS A 152 -23.89 -14.22 -15.34
N PHE A 153 -25.00 -13.54 -15.05
CA PHE A 153 -26.05 -14.17 -14.26
C PHE A 153 -26.79 -15.28 -14.98
N ALA A 154 -27.39 -14.96 -16.12
CA ALA A 154 -28.23 -15.92 -16.85
C ALA A 154 -27.56 -17.26 -17.08
N LYS A 155 -26.35 -17.24 -17.63
CA LYS A 155 -25.63 -18.46 -17.99
C LYS A 155 -25.41 -19.38 -16.78
N LEU A 156 -25.13 -18.77 -15.63
CA LEU A 156 -24.88 -19.55 -14.42
C LEU A 156 -26.16 -19.96 -13.70
N ALA A 157 -27.23 -19.17 -13.86
CA ALA A 157 -28.49 -19.46 -13.17
C ALA A 157 -29.22 -20.64 -13.80
N GLN A 158 -28.99 -20.86 -15.11
CA GLN A 158 -29.63 -21.95 -15.83
C GLN A 158 -29.03 -23.30 -15.46
N LEU A 159 -27.83 -23.28 -14.89
CA LEU A 159 -27.11 -24.51 -14.55
C LEU A 159 -27.69 -25.23 -13.34
N VAL A 160 -27.50 -26.54 -13.31
CA VAL A 160 -27.94 -27.37 -12.19
C VAL A 160 -26.76 -28.20 -11.68
N TYR A 161 -26.60 -28.29 -10.37
CA TYR A 161 -25.56 -29.13 -9.78
C TYR A 161 -25.77 -30.58 -10.18
N GLU A 162 -24.79 -31.14 -10.90
CA GLU A 162 -24.94 -32.48 -11.47
C GLU A 162 -24.05 -33.53 -10.82
N GLY A 163 -23.56 -33.22 -9.61
CA GLY A 163 -22.74 -34.16 -8.87
C GLY A 163 -21.29 -33.76 -8.79
N GLY A 164 -20.55 -34.45 -7.93
CA GLY A 164 -19.16 -34.11 -7.65
C GLY A 164 -18.25 -34.25 -8.86
N ASP A 165 -18.43 -35.32 -9.63
CA ASP A 165 -17.59 -35.58 -10.79
C ASP A 165 -17.77 -34.51 -11.86
N SER A 166 -18.98 -33.96 -11.97
CA SER A 166 -19.23 -32.89 -12.92
C SER A 166 -18.37 -31.69 -12.57
N VAL A 167 -18.26 -31.43 -11.28
CA VAL A 167 -17.43 -30.35 -10.74
C VAL A 167 -15.94 -30.63 -10.97
N ARG A 168 -15.56 -31.89 -10.86
CA ARG A 168 -14.19 -32.30 -11.13
C ARG A 168 -13.81 -32.02 -12.58
N ASP A 169 -14.71 -32.35 -13.49
CA ASP A 169 -14.49 -32.13 -14.92
C ASP A 169 -14.42 -30.64 -15.25
N GLN A 170 -15.22 -29.84 -14.55
CA GLN A 170 -15.23 -28.40 -14.73
C GLN A 170 -13.91 -27.77 -14.32
N MET A 171 -13.35 -28.27 -13.23
CA MET A 171 -12.06 -27.77 -12.76
C MET A 171 -10.95 -28.14 -13.72
N VAL A 172 -11.07 -29.32 -14.31
CA VAL A 172 -10.08 -29.79 -15.28
C VAL A 172 -10.19 -28.99 -16.58
N THR A 173 -11.42 -28.73 -17.01
CA THR A 173 -11.67 -27.93 -18.21
C THR A 173 -11.06 -26.53 -18.07
N ILE A 174 -11.26 -25.91 -16.92
CA ILE A 174 -10.77 -24.58 -16.63
C ILE A 174 -9.25 -24.50 -16.71
N VAL A 175 -8.57 -25.40 -16.01
CA VAL A 175 -7.11 -25.44 -15.99
C VAL A 175 -6.54 -25.75 -17.37
N ARG A 176 -7.16 -26.68 -18.10
CA ARG A 176 -6.71 -27.01 -19.44
C ARG A 176 -6.93 -25.85 -20.41
N SER A 177 -8.07 -25.16 -20.26
CA SER A 177 -8.35 -23.99 -21.07
C SER A 177 -7.37 -22.86 -20.78
N VAL A 178 -7.06 -22.68 -19.51
CA VAL A 178 -6.07 -21.69 -19.09
C VAL A 178 -4.73 -21.98 -19.75
N GLN A 179 -4.32 -23.24 -19.72
CA GLN A 179 -3.09 -23.66 -20.36
C GLN A 179 -3.12 -23.45 -21.87
N PHE A 180 -4.27 -23.74 -22.47
CA PHE A 180 -4.43 -23.56 -23.92
C PHE A 180 -4.33 -22.10 -24.35
N LEU A 181 -5.04 -21.22 -23.66
CA LEU A 181 -5.08 -19.80 -24.02
C LEU A 181 -3.70 -19.15 -23.95
N CYS A 182 -2.94 -19.50 -22.92
CA CYS A 182 -1.62 -18.91 -22.71
C CYS A 182 -0.58 -19.50 -23.64
N THR A 183 -0.78 -20.75 -24.03
CA THR A 183 0.23 -21.45 -24.82
C THR A 183 -0.02 -21.29 -26.32
N LYS A 184 -1.29 -21.25 -26.73
CA LYS A 184 -1.64 -21.30 -28.15
C LYS A 184 -2.31 -20.04 -28.71
N VAL A 185 -2.95 -19.26 -27.83
CA VAL A 185 -3.80 -18.18 -28.30
C VAL A 185 -3.24 -16.79 -28.01
N LEU A 186 -2.79 -16.57 -26.77
CA LEU A 186 -2.39 -15.24 -26.34
C LEU A 186 -0.98 -14.85 -26.75
N GLU A 187 -0.86 -13.66 -27.33
CA GLU A 187 0.43 -13.03 -27.60
C GLU A 187 1.08 -12.68 -26.27
N PRO A 188 2.43 -12.63 -26.24
CA PRO A 188 3.10 -12.33 -24.96
C PRO A 188 2.80 -10.94 -24.41
N LEU A 189 2.82 -10.84 -23.08
CA LEU A 189 2.65 -9.57 -22.39
C LEU A 189 3.84 -8.66 -22.68
N PRO A 190 3.63 -7.33 -22.57
CA PRO A 190 4.77 -6.42 -22.78
C PRO A 190 5.87 -6.60 -21.74
N GLU A 191 7.07 -6.11 -22.03
CA GLU A 191 8.18 -6.18 -21.09
C GLU A 191 7.81 -5.47 -19.79
N GLU A 192 7.05 -4.39 -19.92
CA GLU A 192 6.61 -3.61 -18.77
C GLU A 192 5.09 -3.68 -18.60
N PHE A 193 4.65 -4.12 -17.43
CA PHE A 193 3.23 -4.20 -17.12
C PHE A 193 3.02 -4.24 -15.61
N THR A 194 1.78 -4.01 -15.20
CA THR A 194 1.42 -4.17 -13.80
C THR A 194 0.19 -5.06 -13.71
N ALA A 195 0.29 -6.11 -12.90
CA ALA A 195 -0.82 -7.02 -12.72
C ALA A 195 -1.25 -7.05 -11.26
N ASN A 196 -2.53 -6.77 -11.02
CA ASN A 196 -3.06 -6.79 -9.67
C ASN A 196 -4.43 -7.46 -9.61
N PHE A 197 -4.83 -7.87 -8.41
CA PHE A 197 -6.15 -8.47 -8.23
C PHE A 197 -7.17 -7.41 -7.83
N ARG A 198 -8.27 -7.35 -8.56
CA ARG A 198 -9.35 -6.42 -8.26
C ARG A 198 -10.65 -7.19 -8.09
N LEU A 199 -11.40 -6.87 -7.04
CA LEU A 199 -12.64 -7.58 -6.77
C LEU A 199 -13.84 -6.64 -6.63
N GLU A 200 -15.03 -7.23 -6.71
CA GLU A 200 -16.27 -6.49 -6.50
C GLU A 200 -17.12 -7.19 -5.44
N TYR A 201 -17.64 -6.41 -4.50
CA TYR A 201 -18.51 -6.94 -3.47
C TYR A 201 -19.93 -7.08 -3.99
N THR A 202 -20.70 -7.98 -3.39
CA THR A 202 -22.12 -8.04 -3.66
C THR A 202 -22.82 -6.96 -2.83
N ASN A 203 -24.03 -6.60 -3.21
CA ASN A 203 -24.79 -5.60 -2.48
C ASN A 203 -25.19 -6.12 -1.10
N ASP A 204 -25.27 -7.44 -0.96
CA ASP A 204 -25.65 -8.06 0.31
C ASP A 204 -24.60 -7.83 1.39
N ALA A 205 -23.34 -7.78 0.98
CA ALA A 205 -22.24 -7.57 1.91
C ALA A 205 -22.39 -6.25 2.67
N PRO A 206 -22.34 -6.31 4.01
CA PRO A 206 -22.55 -5.15 4.89
C PRO A 206 -21.39 -4.17 4.84
N SER A 207 -21.59 -2.97 5.36
CA SER A 207 -20.56 -1.94 5.36
C SER A 207 -19.38 -2.33 6.25
N ASN A 208 -19.64 -3.15 7.27
CA ASN A 208 -18.59 -3.57 8.18
C ASN A 208 -17.71 -4.68 7.58
N PHE A 209 -18.10 -5.17 6.41
CA PHE A 209 -17.38 -6.25 5.77
C PHE A 209 -16.34 -5.74 4.76
N ARG A 210 -15.09 -6.13 4.99
CA ARG A 210 -14.00 -5.83 4.09
C ARG A 210 -13.12 -7.06 3.98
N ILE A 211 -12.57 -7.30 2.78
CA ILE A 211 -11.73 -8.45 2.53
C ILE A 211 -10.26 -8.08 2.64
N ASP A 212 -9.54 -8.77 3.54
CA ASP A 212 -8.14 -8.47 3.82
C ASP A 212 -7.26 -8.52 2.58
N GLY A 213 -6.43 -7.49 2.42
CA GLY A 213 -5.52 -7.43 1.29
C GLY A 213 -6.04 -6.55 0.17
N PHE A 214 -7.34 -6.25 0.20
CA PHE A 214 -7.95 -5.46 -0.84
C PHE A 214 -8.41 -4.10 -0.34
N GLU A 215 -7.85 -3.04 -0.90
CA GLU A 215 -8.24 -1.68 -0.55
C GLU A 215 -9.63 -1.35 -1.09
N ASP A 216 -10.38 -0.52 -0.37
CA ASP A 216 -11.64 -0.02 -0.89
C ASP A 216 -11.38 0.87 -2.09
N SER A 217 -12.25 0.77 -3.10
CA SER A 217 -12.10 1.59 -4.30
C SER A 217 -13.45 1.88 -4.94
N SER A 218 -13.61 3.12 -5.41
CA SER A 218 -14.82 3.51 -6.11
C SER A 218 -14.74 3.11 -7.58
N THR A 219 -13.54 2.71 -8.01
CA THR A 219 -13.32 2.28 -9.39
C THR A 219 -12.85 0.82 -9.44
N PHE A 220 -13.28 0.13 -10.49
CA PHE A 220 -12.98 -1.28 -10.67
C PHE A 220 -11.91 -1.45 -11.73
N TYR A 221 -12.36 -1.83 -12.92
CA TYR A 221 -11.54 -1.83 -14.12
C TYR A 221 -12.45 -1.67 -15.33
N THR A 222 -11.88 -1.23 -16.44
CA THR A 222 -12.63 -1.12 -17.68
C THR A 222 -11.88 -1.80 -18.82
N LEU A 223 -12.60 -2.05 -19.91
CA LEU A 223 -12.04 -2.72 -21.08
C LEU A 223 -12.19 -1.85 -22.31
N PRO A 224 -11.18 -1.87 -23.21
CA PRO A 224 -11.30 -1.17 -24.49
C PRO A 224 -12.48 -1.69 -25.31
N ASP A 225 -13.00 -0.86 -26.20
CA ASP A 225 -14.18 -1.20 -26.99
C ASP A 225 -13.92 -2.37 -27.93
N ASP A 226 -12.68 -2.48 -28.40
CA ASP A 226 -12.31 -3.51 -29.36
C ASP A 226 -11.77 -4.76 -28.67
N ILE A 227 -12.17 -4.97 -27.42
CA ILE A 227 -11.64 -6.09 -26.63
C ILE A 227 -12.15 -7.43 -27.14
N GLN A 228 -11.24 -8.42 -27.14
CA GLN A 228 -11.60 -9.78 -27.50
C GLN A 228 -11.76 -10.63 -26.24
N SER A 229 -12.48 -11.74 -26.34
CA SER A 229 -12.73 -12.57 -25.17
C SER A 229 -12.73 -14.06 -25.49
N ALA A 230 -12.74 -14.87 -24.43
CA ALA A 230 -12.82 -16.31 -24.54
C ALA A 230 -13.30 -16.92 -23.23
N THR A 231 -14.11 -17.96 -23.31
CA THR A 231 -14.61 -18.62 -22.11
C THR A 231 -13.65 -19.70 -21.62
N ILE A 232 -13.18 -19.53 -20.39
CA ILE A 232 -12.29 -20.49 -19.76
C ILE A 232 -13.08 -21.67 -19.19
N GLY A 233 -14.19 -21.38 -18.55
CA GLY A 233 -15.06 -22.43 -18.03
C GLY A 233 -15.95 -21.98 -16.89
N HIS A 234 -16.90 -22.83 -16.55
CA HIS A 234 -17.83 -22.52 -15.47
C HIS A 234 -17.67 -23.50 -14.31
N LEU A 235 -18.17 -23.12 -13.15
CA LEU A 235 -18.14 -23.99 -11.99
C LEU A 235 -19.51 -24.11 -11.35
N ARG A 236 -19.96 -25.33 -11.09
CA ARG A 236 -21.24 -25.53 -10.45
C ARG A 236 -21.16 -26.53 -9.29
N PRO A 237 -20.60 -26.09 -8.14
CA PRO A 237 -20.74 -26.90 -6.94
C PRO A 237 -22.17 -26.82 -6.42
N GLY A 238 -22.46 -27.55 -5.34
CA GLY A 238 -23.80 -27.68 -4.82
C GLY A 238 -24.56 -26.39 -4.56
N CYS A 239 -23.89 -25.41 -3.97
CA CYS A 239 -24.57 -24.17 -3.58
C CYS A 239 -23.92 -22.91 -4.14
N HIS A 240 -23.00 -23.06 -5.08
CA HIS A 240 -22.36 -21.89 -5.68
C HIS A 240 -22.17 -22.06 -7.19
N ALA A 241 -21.86 -20.95 -7.86
CA ALA A 241 -21.64 -20.97 -9.30
C ALA A 241 -20.67 -19.88 -9.73
N ALA A 242 -19.80 -20.21 -10.67
CA ALA A 242 -18.82 -19.24 -11.16
C ALA A 242 -18.53 -19.42 -12.64
N ASN A 243 -18.27 -18.30 -13.32
CA ASN A 243 -17.85 -18.32 -14.71
C ASN A 243 -16.52 -17.62 -14.87
N MET A 244 -15.56 -18.30 -15.49
CA MET A 244 -14.24 -17.71 -15.70
C MET A 244 -13.99 -17.39 -17.17
N GLU A 245 -13.59 -16.16 -17.44
CA GLU A 245 -13.37 -15.70 -18.81
C GLU A 245 -12.04 -14.98 -18.95
N CYS A 246 -11.54 -14.89 -20.18
CA CYS A 246 -10.31 -14.18 -20.48
C CYS A 246 -10.59 -13.00 -21.41
N TRP A 247 -10.21 -11.81 -20.99
CA TRP A 247 -10.34 -10.63 -21.81
C TRP A 247 -8.97 -10.04 -22.10
N SER A 248 -8.66 -9.78 -23.35
CA SER A 248 -7.31 -9.35 -23.69
C SER A 248 -7.20 -8.62 -25.03
N MET A 249 -6.14 -7.85 -25.18
CA MET A 249 -5.79 -7.27 -26.46
C MET A 249 -4.81 -8.15 -27.22
N LEU A 250 -4.31 -9.19 -26.56
CA LEU A 250 -3.21 -9.99 -27.09
C LEU A 250 -3.63 -11.36 -27.62
N MET A 251 -4.86 -11.47 -28.09
CA MET A 251 -5.31 -12.75 -28.68
C MET A 251 -4.85 -12.91 -30.13
N SER A 252 -4.57 -14.15 -30.50
CA SER A 252 -4.06 -14.49 -31.82
C SER A 252 -2.79 -13.71 -32.15
N ALA B 3 -17.96 1.22 7.42
CA ALA B 3 -16.61 1.68 7.11
C ALA B 3 -16.40 1.77 5.60
N ARG B 4 -16.86 0.75 4.88
CA ARG B 4 -16.70 0.70 3.43
C ARG B 4 -17.98 1.14 2.71
N ASP B 5 -17.86 2.15 1.86
CA ASP B 5 -18.99 2.66 1.11
C ASP B 5 -18.78 2.44 -0.39
N SER B 6 -17.81 1.59 -0.72
CA SER B 6 -17.48 1.28 -2.11
C SER B 6 -17.58 -0.21 -2.40
N PRO B 7 -17.98 -0.58 -3.63
CA PRO B 7 -18.18 -1.99 -3.97
C PRO B 7 -16.96 -2.69 -4.55
N TYR B 8 -15.81 -2.01 -4.58
CA TYR B 8 -14.62 -2.59 -5.22
C TYR B 8 -13.43 -2.74 -4.30
N GLY B 9 -12.63 -3.77 -4.56
CA GLY B 9 -11.44 -4.03 -3.79
C GLY B 9 -10.20 -4.11 -4.65
N LEU B 10 -9.16 -3.37 -4.28
CA LEU B 10 -7.91 -3.37 -5.04
C LEU B 10 -6.78 -3.96 -4.21
N SER B 11 -6.04 -4.89 -4.80
CA SER B 11 -4.89 -5.48 -4.15
C SER B 11 -3.60 -4.85 -4.66
N GLN B 12 -2.53 -4.98 -3.87
CA GLN B 12 -1.19 -4.63 -4.34
C GLN B 12 -0.80 -5.64 -5.41
N GLY B 13 -0.01 -5.21 -6.39
CA GLY B 13 0.22 -6.04 -7.55
C GLY B 13 1.62 -6.58 -7.77
N ILE B 14 1.81 -7.13 -8.96
CA ILE B 14 3.11 -7.61 -9.42
C ILE B 14 3.51 -6.82 -10.66
N THR B 15 4.67 -6.19 -10.60
CA THR B 15 5.10 -5.32 -11.70
C THR B 15 6.39 -5.79 -12.35
N LYS B 16 6.36 -5.92 -13.67
CA LYS B 16 7.55 -6.29 -14.43
C LYS B 16 8.00 -5.13 -15.32
N ASP C 17 -15.40 18.98 37.19
CA ASP C 17 -14.29 19.44 36.35
C ASP C 17 -14.70 19.49 34.89
N SER C 18 -14.93 20.70 34.39
CA SER C 18 -15.20 20.91 32.99
C SER C 18 -14.33 22.03 32.47
N ILE C 19 -13.85 21.90 31.24
CA ILE C 19 -13.03 22.92 30.62
C ILE C 19 -13.94 23.94 29.95
N ASP C 20 -14.02 25.14 30.53
CA ASP C 20 -14.99 26.13 30.08
C ASP C 20 -14.39 27.20 29.19
N ASP C 21 -13.26 26.90 28.59
CA ASP C 21 -12.70 27.78 27.57
C ASP C 21 -13.60 27.70 26.36
N LYS C 22 -14.05 28.85 25.87
CA LYS C 22 -15.02 28.90 24.78
C LYS C 22 -14.46 28.33 23.47
N LYS C 23 -13.18 28.57 23.23
CA LYS C 23 -12.54 28.08 22.01
C LYS C 23 -12.27 26.58 22.07
N TRP C 24 -11.86 26.11 23.24
CA TRP C 24 -11.46 24.71 23.47
C TRP C 24 -12.54 23.71 23.08
N SER C 25 -13.80 24.12 23.24
CA SER C 25 -14.94 23.23 23.05
C SER C 25 -15.08 22.70 21.63
N LYS C 26 -14.61 23.47 20.64
CA LYS C 26 -14.81 23.08 19.25
C LYS C 26 -13.99 21.85 18.85
N LEU C 27 -12.71 21.84 19.19
CA LEU C 27 -11.82 20.72 18.87
C LEU C 27 -11.84 19.61 19.92
N PHE C 28 -12.06 19.99 21.18
CA PHE C 28 -11.90 19.05 22.28
C PHE C 28 -13.18 18.86 23.11
N PRO C 29 -13.24 17.76 23.88
CA PRO C 29 -14.34 17.61 24.83
C PRO C 29 -14.21 18.56 26.01
N ARG C 30 -15.33 19.02 26.55
CA ARG C 30 -15.31 19.89 27.73
C ARG C 30 -14.91 19.11 28.98
N ILE C 31 -15.31 17.85 29.04
CA ILE C 31 -15.01 16.99 30.18
C ILE C 31 -14.11 15.83 29.73
N VAL C 32 -13.10 15.51 30.54
CA VAL C 32 -12.15 14.46 30.19
C VAL C 32 -11.92 13.47 31.33
N SER C 33 -12.79 13.51 32.33
CA SER C 33 -12.64 12.66 33.51
C SER C 33 -13.07 11.21 33.26
N ASP C 34 -14.18 11.02 32.56
CA ASP C 34 -14.71 9.68 32.30
C ASP C 34 -13.96 8.99 31.16
N PRO C 35 -13.92 7.63 31.18
CA PRO C 35 -13.16 6.83 30.21
C PRO C 35 -13.36 7.19 28.74
N ASP C 36 -14.61 7.34 28.30
CA ASP C 36 -14.87 7.62 26.89
C ASP C 36 -14.29 8.95 26.44
N ARG C 37 -14.59 10.00 27.17
CA ARG C 37 -14.07 11.34 26.91
C ARG C 37 -12.57 11.44 27.10
N SER C 38 -12.06 10.63 28.02
CA SER C 38 -10.63 10.54 28.23
C SER C 38 -9.94 9.97 27.01
N SER C 39 -10.53 8.92 26.46
CA SER C 39 -10.01 8.31 25.24
C SER C 39 -10.19 9.22 24.05
N ASN C 40 -11.37 9.84 23.97
CA ASN C 40 -11.70 10.73 22.86
C ASN C 40 -10.80 11.96 22.80
N PHE C 41 -10.50 12.54 23.96
CA PHE C 41 -9.59 13.68 24.01
C PHE C 41 -8.23 13.27 23.47
N MET C 42 -7.77 12.07 23.83
CA MET C 42 -6.50 11.54 23.34
C MET C 42 -6.49 11.47 21.83
N THR C 43 -7.62 11.09 21.24
CA THR C 43 -7.73 11.01 19.78
C THR C 43 -7.60 12.40 19.18
N ARG C 44 -8.28 13.38 19.78
CA ARG C 44 -8.15 14.77 19.36
C ARG C 44 -6.79 15.31 19.70
N ALA C 45 -6.22 14.84 20.81
CA ALA C 45 -4.86 15.21 21.19
C ALA C 45 -3.85 14.83 20.11
N ILE C 46 -3.93 13.58 19.66
CA ILE C 46 -3.05 13.08 18.62
C ILE C 46 -3.22 13.89 17.34
N TYR C 47 -4.47 14.20 17.01
CA TYR C 47 -4.79 14.96 15.80
C TYR C 47 -4.13 16.33 15.77
N VAL C 48 -4.27 17.08 16.86
CA VAL C 48 -3.79 18.47 16.91
C VAL C 48 -2.26 18.57 16.91
N ALA C 49 -1.61 17.80 17.78
CA ALA C 49 -0.15 17.87 17.92
C ALA C 49 0.58 17.42 16.67
N PHE C 50 0.11 16.35 16.05
CA PHE C 50 0.74 15.86 14.83
C PHE C 50 0.44 16.79 13.66
N SER C 51 -0.72 17.45 13.71
CA SER C 51 -1.04 18.50 12.74
C SER C 51 -0.02 19.63 12.87
N ALA C 52 0.28 20.02 14.10
CA ALA C 52 1.27 21.06 14.34
C ALA C 52 2.67 20.60 13.92
N VAL C 53 2.98 19.34 14.15
CA VAL C 53 4.27 18.80 13.74
C VAL C 53 4.40 18.78 12.21
N LEU C 54 3.37 18.28 11.55
CA LEU C 54 3.36 18.22 10.09
C LEU C 54 3.47 19.61 9.48
N ARG C 55 2.75 20.56 10.06
CA ARG C 55 2.76 21.94 9.56
C ARG C 55 4.07 22.67 9.83
N ASN C 56 4.48 22.68 11.09
CA ASN C 56 5.64 23.47 11.49
C ASN C 56 6.99 22.87 11.08
N ARG C 57 7.00 21.63 10.63
CA ARG C 57 8.21 21.04 10.06
C ARG C 57 8.17 21.11 8.54
N ASN C 58 7.12 21.75 8.03
CA ASN C 58 6.93 21.95 6.59
C ASN C 58 6.99 20.65 5.81
N ILE C 59 6.44 19.59 6.40
CA ILE C 59 6.30 18.31 5.72
C ILE C 59 5.11 18.39 4.75
N LEU C 60 4.08 19.13 5.16
CA LEU C 60 2.99 19.46 4.25
C LEU C 60 2.91 20.97 4.08
N GLY C 61 2.16 21.40 3.06
CA GLY C 61 1.99 22.81 2.79
C GLY C 61 0.84 23.41 3.59
N GLN C 62 0.78 24.74 3.62
CA GLN C 62 -0.24 25.46 4.38
C GLN C 62 -1.65 25.12 3.90
N GLU C 63 -1.75 24.66 2.66
CA GLU C 63 -3.05 24.37 2.04
C GLU C 63 -3.69 23.09 2.58
N TYR C 64 -2.97 22.36 3.43
CA TYR C 64 -3.51 21.14 4.02
C TYR C 64 -3.97 21.36 5.45
N PHE C 65 -3.92 22.61 5.90
CA PHE C 65 -4.27 22.92 7.28
C PHE C 65 -5.24 24.09 7.39
N THR C 66 -6.17 23.99 8.34
CA THR C 66 -7.07 25.11 8.65
C THR C 66 -6.73 25.70 10.00
N LYS C 67 -6.84 27.02 10.12
CA LYS C 67 -6.54 27.71 11.37
C LYS C 67 -7.63 27.48 12.40
N ASN C 68 -7.23 26.99 13.57
CA ASN C 68 -8.15 26.72 14.66
C ASN C 68 -7.62 27.20 16.00
N TYR C 69 -8.55 27.56 16.88
CA TYR C 69 -8.20 27.88 18.26
C TYR C 69 -8.13 26.61 19.07
N ILE C 70 -7.08 26.47 19.87
CA ILE C 70 -7.03 25.43 20.90
C ILE C 70 -7.61 26.00 22.17
N THR C 71 -7.16 27.19 22.53
CA THR C 71 -7.76 27.97 23.62
C THR C 71 -7.89 29.43 23.19
N GLU C 72 -8.30 30.29 24.11
CA GLU C 72 -8.39 31.72 23.84
C GLU C 72 -7.00 32.32 23.78
N LYS C 73 -6.02 31.58 24.29
CA LYS C 73 -4.64 32.02 24.33
C LYS C 73 -3.82 31.57 23.12
N LEU C 74 -4.23 30.48 22.48
CA LEU C 74 -3.40 29.84 21.47
C LEU C 74 -4.14 29.39 20.21
N LYS C 75 -3.58 29.75 19.05
CA LYS C 75 -4.05 29.23 17.76
C LYS C 75 -3.22 28.02 17.35
N CYS C 76 -3.67 27.32 16.31
CA CYS C 76 -2.90 26.20 15.74
C CYS C 76 -3.42 25.75 14.39
N MET C 77 -2.50 25.32 13.54
CA MET C 77 -2.85 24.76 12.24
C MET C 77 -3.19 23.28 12.40
N THR C 78 -4.36 22.89 11.91
CA THR C 78 -4.77 21.49 11.99
C THR C 78 -5.21 20.98 10.62
N LEU C 79 -4.98 19.69 10.38
CA LEU C 79 -5.27 19.04 9.11
C LEU C 79 -6.69 19.33 8.64
N CYS C 80 -6.81 19.80 7.41
CA CYS C 80 -8.10 20.17 6.85
C CYS C 80 -8.96 18.96 6.54
N PHE C 81 -10.21 19.00 6.99
CA PHE C 81 -11.15 17.91 6.74
C PHE C 81 -11.82 18.08 5.39
N ARG C 82 -11.48 19.15 4.68
CA ARG C 82 -12.12 19.46 3.41
C ARG C 82 -11.17 19.34 2.23
N ASN C 83 -9.95 18.91 2.51
CA ASN C 83 -8.99 18.56 1.47
C ASN C 83 -8.78 17.06 1.46
N LEU C 84 -8.69 16.48 0.27
CA LEU C 84 -8.65 15.03 0.09
C LEU C 84 -7.50 14.36 0.84
N ARG C 85 -6.28 14.85 0.61
CA ARG C 85 -5.10 14.23 1.20
C ARG C 85 -5.00 14.44 2.70
N SER C 86 -5.32 15.65 3.15
CA SER C 86 -5.26 15.97 4.57
C SER C 86 -6.31 15.19 5.35
N ASN C 87 -7.43 14.92 4.68
CA ASN C 87 -8.52 14.15 5.26
C ASN C 87 -8.12 12.70 5.50
N GLN C 88 -7.38 12.13 4.56
CA GLN C 88 -6.90 10.75 4.70
C GLN C 88 -5.95 10.64 5.89
N ILE C 89 -5.07 11.63 6.01
CA ILE C 89 -4.09 11.64 7.10
C ILE C 89 -4.77 11.83 8.46
N ALA C 90 -5.79 12.69 8.50
CA ALA C 90 -6.54 12.93 9.73
C ALA C 90 -7.28 11.67 10.17
N GLN C 91 -7.91 11.00 9.21
CA GLN C 91 -8.61 9.74 9.47
C GLN C 91 -7.62 8.67 9.93
N LEU C 92 -6.42 8.71 9.36
CA LEU C 92 -5.35 7.80 9.73
C LEU C 92 -5.01 7.96 11.20
N LEU C 93 -4.89 9.21 11.64
CA LEU C 93 -4.60 9.52 13.03
C LEU C 93 -5.82 9.25 13.91
N ARG C 94 -7.01 9.39 13.34
CA ARG C 94 -8.24 9.12 14.08
C ARG C 94 -8.38 7.63 14.39
N ASN C 95 -7.96 6.79 13.44
CA ASN C 95 -7.99 5.35 13.64
C ASN C 95 -7.06 4.92 14.77
N ALA C 96 -5.86 5.50 14.81
CA ALA C 96 -4.90 5.21 15.88
C ALA C 96 -5.43 5.69 17.22
N GLY C 97 -6.09 6.84 17.22
CA GLY C 97 -6.64 7.41 18.43
C GLY C 97 -7.77 6.58 19.00
N ASP C 98 -8.56 5.97 18.13
CA ASP C 98 -9.68 5.14 18.53
C ASP C 98 -9.22 3.86 19.23
N ALA C 99 -7.94 3.51 19.05
CA ALA C 99 -7.38 2.30 19.66
C ALA C 99 -7.07 2.51 21.13
N THR C 100 -7.00 3.77 21.56
CA THR C 100 -6.72 4.08 22.96
C THR C 100 -7.89 3.71 23.87
N LYS C 101 -9.08 3.58 23.27
CA LYS C 101 -10.29 3.34 24.04
C LYS C 101 -10.28 1.98 24.74
N ASP C 102 -9.72 0.97 24.08
CA ASP C 102 -9.68 -0.37 24.65
C ASP C 102 -8.29 -0.71 25.17
N GLY C 103 -7.40 0.26 25.11
CA GLY C 103 -6.04 0.09 25.60
C GLY C 103 -5.16 -0.75 24.69
N PHE C 104 -5.33 -0.59 23.38
CA PHE C 104 -4.59 -1.40 22.42
C PHE C 104 -3.47 -0.64 21.74
N LEU C 105 -3.31 0.63 22.08
CA LEU C 105 -2.30 1.46 21.41
C LEU C 105 -1.14 1.81 22.35
N LYS C 106 0.04 1.28 22.05
CA LYS C 106 1.22 1.54 22.87
C LYS C 106 1.91 2.83 22.45
N GLU C 107 2.06 3.01 21.15
CA GLU C 107 2.73 4.17 20.58
C GLU C 107 2.26 4.54 19.16
N VAL C 108 2.14 5.83 18.86
CA VAL C 108 2.03 6.31 17.49
C VAL C 108 3.08 7.37 17.29
N SER C 109 3.92 7.23 16.27
CA SER C 109 4.97 8.21 16.07
C SER C 109 5.14 8.61 14.61
N LEU C 110 5.46 9.86 14.39
CA LEU C 110 5.80 10.33 13.06
C LEU C 110 7.27 10.00 12.81
N VAL C 111 7.51 9.08 11.89
CA VAL C 111 8.87 8.62 11.63
C VAL C 111 9.39 9.16 10.31
N ILE C 112 10.46 9.95 10.39
CA ILE C 112 11.07 10.55 9.21
C ILE C 112 12.38 9.86 8.86
N THR C 113 12.48 9.39 7.62
CA THR C 113 13.65 8.66 7.16
C THR C 113 14.16 9.19 5.82
N ASN C 114 15.41 8.84 5.50
CA ASN C 114 15.97 9.19 4.21
C ASN C 114 15.18 8.56 3.06
N ASN C 115 14.97 7.25 3.15
CA ASN C 115 14.25 6.51 2.13
C ASN C 115 13.06 5.76 2.71
N GLU C 116 12.18 5.30 1.83
CA GLU C 116 11.02 4.52 2.25
C GLU C 116 11.21 3.06 1.91
N GLY C 117 11.18 2.19 2.93
CA GLY C 117 11.02 2.61 4.31
C GLY C 117 12.16 2.14 5.19
N ASP C 118 13.05 3.06 5.54
CA ASP C 118 14.22 2.73 6.35
C ASP C 118 13.85 2.45 7.79
N LEU C 119 14.62 1.56 8.43
CA LEU C 119 14.41 1.23 9.83
C LEU C 119 14.90 2.35 10.74
N GLU C 120 16.08 2.89 10.42
CA GLU C 120 16.70 3.92 11.23
C GLU C 120 16.21 5.30 10.80
N ALA C 121 15.60 6.01 11.76
CA ALA C 121 14.99 7.30 11.47
C ALA C 121 15.99 8.44 11.59
N ILE C 122 15.78 9.47 10.76
CA ILE C 122 16.45 10.75 10.92
C ILE C 122 15.81 11.52 12.08
N GLU C 123 14.48 11.54 12.09
CA GLU C 123 13.73 12.33 13.05
C GLU C 123 12.46 11.61 13.50
N VAL C 124 12.16 11.65 14.79
CA VAL C 124 10.98 10.98 15.32
C VAL C 124 10.15 11.90 16.22
N PHE C 125 8.86 11.96 15.94
CA PHE C 125 7.90 12.61 16.83
C PHE C 125 6.95 11.56 17.38
N SER C 126 7.21 11.13 18.60
CA SER C 126 6.52 10.00 19.20
C SER C 126 5.56 10.35 20.32
N MET C 127 4.43 9.66 20.35
CA MET C 127 3.49 9.70 21.46
C MET C 127 3.33 8.30 22.06
N LYS C 128 3.57 8.18 23.35
CA LYS C 128 3.53 6.90 24.01
C LYS C 128 2.48 6.86 25.10
N PHE C 129 1.70 5.80 25.13
CA PHE C 129 0.50 5.78 25.97
C PHE C 129 0.56 4.74 27.09
N ILE C 130 -0.30 4.94 28.09
CA ILE C 130 -0.42 4.04 29.24
C ILE C 130 -1.84 4.10 29.77
N TYR C 131 -2.38 2.96 30.17
CA TYR C 131 -3.77 2.86 30.57
C TYR C 131 -3.91 2.47 32.04
N PHE C 132 -5.07 2.76 32.62
CA PHE C 132 -5.27 2.58 34.05
C PHE C 132 -6.42 1.61 34.33
N GLU C 133 -6.26 0.79 35.37
CA GLU C 133 -7.17 -0.32 35.62
C GLU C 133 -8.63 0.09 35.79
N ASN C 134 -8.91 0.88 36.82
CA ASN C 134 -10.27 1.38 37.03
C ASN C 134 -10.27 2.56 37.99
N GLY C 135 -11.04 3.59 37.67
CA GLY C 135 -11.05 4.80 38.47
C GLY C 135 -9.91 5.73 38.08
N GLY C 136 -9.09 5.26 37.14
CA GLY C 136 -8.08 6.07 36.51
C GLY C 136 -6.83 6.37 37.31
N VAL C 137 -6.62 5.65 38.42
CA VAL C 137 -5.49 5.95 39.28
C VAL C 137 -4.30 5.02 39.02
N VAL C 138 -4.51 3.71 39.16
CA VAL C 138 -3.41 2.76 39.08
C VAL C 138 -3.17 2.30 37.64
N ALA C 139 -1.92 2.42 37.20
CA ALA C 139 -1.56 2.15 35.82
C ALA C 139 -1.40 0.67 35.53
N ARG C 140 -1.99 0.22 34.42
CA ARG C 140 -1.71 -1.11 33.90
C ARG C 140 -0.26 -1.17 33.47
N LEU C 141 0.39 -2.29 33.75
CA LEU C 141 1.80 -2.44 33.46
C LEU C 141 2.10 -2.39 31.97
N SER C 142 3.18 -1.71 31.61
CA SER C 142 3.61 -1.66 30.22
C SER C 142 5.04 -2.20 30.09
N THR C 143 5.22 -3.16 29.20
CA THR C 143 6.47 -3.91 29.13
C THR C 143 6.89 -4.41 27.76
N ASP C 144 8.16 -4.75 27.65
CA ASP C 144 8.70 -5.60 26.60
C ASP C 144 8.04 -6.99 26.80
N LYS C 145 8.02 -7.96 25.88
CA LYS C 145 8.99 -8.38 24.84
C LYS C 145 10.15 -9.10 25.55
N ASN C 146 10.87 -8.39 26.39
CA ASN C 146 11.85 -8.99 27.29
C ASN C 146 11.31 -9.00 28.71
N GLY C 147 10.14 -8.42 28.89
CA GLY C 147 9.52 -8.35 30.20
C GLY C 147 9.93 -7.10 30.97
N GLN C 148 10.79 -6.29 30.36
CA GLN C 148 11.28 -5.08 31.00
C GLN C 148 10.27 -3.93 30.89
N GLU C 149 10.13 -3.18 31.98
CA GLU C 149 9.22 -2.04 32.03
C GLU C 149 9.48 -1.06 30.90
N ASP C 150 8.41 -0.63 30.23
CA ASP C 150 8.55 0.32 29.14
C ASP C 150 9.18 1.62 29.64
N PRO C 151 10.03 2.23 28.81
CA PRO C 151 10.78 3.44 29.19
C PRO C 151 9.88 4.59 29.60
N HIS C 152 8.72 4.71 28.96
CA HIS C 152 7.83 5.84 29.19
C HIS C 152 6.89 5.59 30.36
N PHE C 153 7.01 4.43 30.98
CA PHE C 153 6.05 4.02 32.00
C PHE C 153 6.16 4.80 33.31
N ALA C 154 7.35 4.84 33.89
CA ALA C 154 7.55 5.43 35.22
C ALA C 154 7.00 6.85 35.35
N LYS C 155 7.35 7.71 34.40
CA LYS C 155 6.95 9.11 34.44
C LYS C 155 5.43 9.26 34.40
N LEU C 156 4.79 8.51 33.51
CA LEU C 156 3.36 8.62 33.28
C LEU C 156 2.54 7.96 34.38
N ALA C 157 3.04 6.86 34.92
CA ALA C 157 2.29 6.10 35.92
C ALA C 157 2.22 6.85 37.25
N GLN C 158 3.27 7.60 37.55
CA GLN C 158 3.33 8.36 38.79
C GLN C 158 2.55 9.67 38.71
N LEU C 159 1.94 9.92 37.55
CA LEU C 159 1.13 11.12 37.38
C LEU C 159 -0.28 10.90 37.94
N VAL C 160 -0.90 12.00 38.36
CA VAL C 160 -2.27 11.96 38.82
C VAL C 160 -3.16 12.86 37.98
N TYR C 161 -4.34 12.38 37.63
CA TYR C 161 -5.32 13.24 36.96
C TYR C 161 -5.80 14.29 37.93
N GLU C 162 -5.71 15.56 37.55
CA GLU C 162 -5.95 16.66 38.48
C GLU C 162 -7.11 17.56 38.06
N GLY C 163 -7.77 17.24 36.96
CA GLY C 163 -8.91 18.01 36.50
C GLY C 163 -8.78 18.51 35.08
N GLY C 164 -9.86 19.07 34.56
CA GLY C 164 -9.92 19.52 33.19
C GLY C 164 -8.90 20.58 32.80
N ASP C 165 -8.73 21.59 33.66
CA ASP C 165 -7.82 22.69 33.35
C ASP C 165 -6.36 22.25 33.28
N SER C 166 -5.99 21.26 34.10
CA SER C 166 -4.65 20.71 34.06
C SER C 166 -4.38 20.05 32.70
N VAL C 167 -5.39 19.33 32.21
CA VAL C 167 -5.32 18.70 30.90
C VAL C 167 -5.21 19.76 29.79
N ARG C 168 -5.98 20.84 29.94
CA ARG C 168 -5.95 21.95 28.99
C ARG C 168 -4.56 22.57 28.86
N ASP C 169 -3.92 22.81 30.01
CA ASP C 169 -2.58 23.39 30.04
C ASP C 169 -1.57 22.48 29.36
N GLN C 170 -1.73 21.18 29.57
CA GLN C 170 -0.84 20.18 28.97
C GLN C 170 -0.93 20.20 27.45
N MET C 171 -2.13 20.36 26.93
CA MET C 171 -2.34 20.43 25.49
C MET C 171 -1.69 21.69 24.91
N VAL C 172 -1.85 22.80 25.61
CA VAL C 172 -1.23 24.05 25.22
C VAL C 172 0.29 23.94 25.22
N THR C 173 0.82 23.32 26.27
CA THR C 173 2.26 23.11 26.44
C THR C 173 2.84 22.33 25.26
N ILE C 174 2.19 21.22 24.93
CA ILE C 174 2.60 20.37 23.82
C ILE C 174 2.67 21.12 22.50
N VAL C 175 1.62 21.88 22.19
CA VAL C 175 1.56 22.63 20.94
C VAL C 175 2.59 23.77 20.91
N ARG C 176 2.76 24.45 22.04
CA ARG C 176 3.76 25.51 22.12
C ARG C 176 5.17 24.95 22.03
N SER C 177 5.38 23.77 22.60
CA SER C 177 6.68 23.10 22.53
C SER C 177 7.03 22.70 21.11
N VAL C 178 6.05 22.16 20.38
CA VAL C 178 6.22 21.80 18.98
C VAL C 178 6.58 23.03 18.15
N GLN C 179 5.82 24.10 18.33
CA GLN C 179 6.08 25.36 17.64
C GLN C 179 7.49 25.86 17.93
N PHE C 180 7.90 25.77 19.20
CA PHE C 180 9.22 26.20 19.63
C PHE C 180 10.33 25.34 19.03
N LEU C 181 10.18 24.01 19.11
CA LEU C 181 11.21 23.09 18.64
C LEU C 181 11.45 23.25 17.13
N CYS C 182 10.36 23.35 16.37
CA CYS C 182 10.45 23.48 14.94
C CYS C 182 11.01 24.84 14.52
N THR C 183 10.71 25.87 15.30
CA THR C 183 11.14 27.23 14.97
C THR C 183 12.58 27.53 15.39
N LYS C 184 12.95 27.09 16.59
CA LYS C 184 14.24 27.52 17.17
C LYS C 184 15.28 26.42 17.37
N VAL C 185 14.84 25.17 17.49
CA VAL C 185 15.77 24.09 17.86
C VAL C 185 16.16 23.21 16.67
N LEU C 186 15.18 22.82 15.87
CA LEU C 186 15.41 21.87 14.79
C LEU C 186 15.90 22.52 13.51
N GLU C 187 17.00 22.00 12.98
CA GLU C 187 17.52 22.41 11.68
C GLU C 187 16.60 21.91 10.57
N PRO C 188 16.70 22.52 9.37
CA PRO C 188 15.80 22.08 8.29
C PRO C 188 16.03 20.63 7.86
N LEU C 189 14.95 19.98 7.45
CA LEU C 189 14.98 18.63 6.92
C LEU C 189 15.62 18.61 5.54
N PRO C 190 16.20 17.46 5.15
CA PRO C 190 16.78 17.35 3.80
C PRO C 190 15.74 17.55 2.70
N GLU C 191 16.20 17.88 1.50
CA GLU C 191 15.31 18.05 0.35
C GLU C 191 14.52 16.78 0.09
N GLU C 192 15.17 15.64 0.23
CA GLU C 192 14.51 14.36 0.01
C GLU C 192 14.40 13.52 1.28
N PHE C 193 13.17 13.19 1.64
CA PHE C 193 12.91 12.34 2.80
C PHE C 193 11.56 11.66 2.66
N THR C 194 11.30 10.67 3.50
CA THR C 194 9.98 10.05 3.55
C THR C 194 9.44 10.09 4.98
N ALA C 195 8.23 10.62 5.14
CA ALA C 195 7.58 10.67 6.43
C ALA C 195 6.32 9.83 6.43
N ASN C 196 6.26 8.87 7.35
CA ASN C 196 5.09 8.03 7.50
C ASN C 196 4.74 7.84 8.98
N PHE C 197 3.62 7.17 9.24
CA PHE C 197 3.23 6.89 10.62
C PHE C 197 3.44 5.43 10.96
N ARG C 198 4.13 5.19 12.08
CA ARG C 198 4.36 3.85 12.56
C ARG C 198 3.84 3.73 13.99
N LEU C 199 3.14 2.64 14.29
CA LEU C 199 2.60 2.46 15.62
C LEU C 199 2.97 1.11 16.21
N GLU C 200 2.72 0.95 17.52
CA GLU C 200 2.92 -0.31 18.19
C GLU C 200 1.68 -0.68 18.99
N TYR C 201 1.22 -1.91 18.81
CA TYR C 201 0.08 -2.42 19.55
C TYR C 201 0.51 -2.82 20.95
N THR C 202 -0.39 -2.74 21.92
CA THR C 202 -0.14 -3.28 23.24
C THR C 202 -0.29 -4.79 23.19
N ASN C 203 0.20 -5.48 24.21
CA ASN C 203 0.07 -6.92 24.28
C ASN C 203 -1.38 -7.36 24.45
N ASP C 204 -2.17 -6.50 25.08
CA ASP C 204 -3.57 -6.81 25.34
C ASP C 204 -4.39 -6.92 24.05
N ALA C 205 -3.97 -6.22 23.02
CA ALA C 205 -4.69 -6.21 21.76
C ALA C 205 -4.75 -7.61 21.14
N PRO C 206 -5.96 -8.11 20.87
CA PRO C 206 -6.16 -9.45 20.33
C PRO C 206 -5.60 -9.58 18.91
N SER C 207 -5.45 -10.81 18.43
CA SER C 207 -4.95 -11.05 17.08
C SER C 207 -5.98 -10.55 16.05
N ASN C 208 -7.24 -10.49 16.47
CA ASN C 208 -8.32 -10.05 15.60
C ASN C 208 -8.37 -8.53 15.44
N PHE C 209 -7.55 -7.82 16.20
CA PHE C 209 -7.56 -6.36 16.18
C PHE C 209 -6.45 -5.80 15.28
N ARG C 210 -6.85 -4.99 14.31
CA ARG C 210 -5.91 -4.29 13.46
C ARG C 210 -6.41 -2.87 13.21
N ILE C 211 -5.55 -1.89 13.44
CA ILE C 211 -5.91 -0.50 13.23
C ILE C 211 -5.87 -0.18 11.73
N ASP C 212 -6.97 0.36 11.22
CA ASP C 212 -7.11 0.64 9.80
C ASP C 212 -6.11 1.69 9.33
N GLY C 213 -5.56 1.47 8.13
CA GLY C 213 -4.60 2.38 7.54
C GLY C 213 -3.17 2.05 7.91
N PHE C 214 -2.99 1.06 8.79
CA PHE C 214 -1.67 0.68 9.24
C PHE C 214 -1.36 -0.79 8.94
N GLU C 215 -0.25 -1.02 8.23
CA GLU C 215 0.16 -2.36 7.83
C GLU C 215 0.79 -3.16 8.97
N ASP C 216 0.46 -4.43 9.05
CA ASP C 216 1.13 -5.33 10.00
C ASP C 216 2.62 -5.36 9.70
N SER C 217 3.43 -5.18 10.74
CA SER C 217 4.88 -5.15 10.58
C SER C 217 5.61 -5.74 11.77
N SER C 218 6.64 -6.54 11.50
CA SER C 218 7.47 -7.10 12.55
C SER C 218 8.52 -6.10 12.99
N THR C 219 8.60 -4.98 12.26
CA THR C 219 9.59 -3.95 12.56
C THR C 219 8.93 -2.61 12.83
N PHE C 220 9.52 -1.84 13.74
CA PHE C 220 8.99 -0.55 14.14
C PHE C 220 9.86 0.56 13.54
N TYR C 221 10.72 1.13 14.38
CA TYR C 221 11.74 2.06 13.93
C TYR C 221 12.90 2.02 14.93
N THR C 222 14.08 2.41 14.47
CA THR C 222 15.26 2.43 15.34
C THR C 222 15.89 3.81 15.36
N LEU C 223 16.61 4.10 16.43
CA LEU C 223 17.32 5.37 16.56
C LEU C 223 18.83 5.15 16.45
N PRO C 224 19.51 6.07 15.73
CA PRO C 224 20.97 6.06 15.77
C PRO C 224 21.50 6.29 17.19
N ASP C 225 22.69 5.79 17.49
CA ASP C 225 23.23 5.78 18.84
C ASP C 225 23.46 7.18 19.42
N ASP C 226 23.66 8.16 18.55
CA ASP C 226 23.97 9.52 18.98
C ASP C 226 22.79 10.47 18.87
N ILE C 227 21.58 9.92 18.94
CA ILE C 227 20.35 10.69 18.76
C ILE C 227 20.13 11.69 19.89
N GLN C 228 19.73 12.90 19.54
CA GLN C 228 19.41 13.91 20.53
C GLN C 228 17.90 13.99 20.72
N SER C 229 17.46 14.24 21.94
CA SER C 229 16.02 14.25 22.23
C SER C 229 15.57 15.47 23.00
N ALA C 230 14.27 15.74 22.93
CA ALA C 230 13.65 16.81 23.71
C ALA C 230 12.22 16.46 24.07
N THR C 231 11.88 16.64 25.34
CA THR C 231 10.52 16.42 25.80
C THR C 231 9.59 17.50 25.26
N ILE C 232 8.45 17.07 24.72
CA ILE C 232 7.45 17.97 24.19
C ILE C 232 6.36 18.24 25.23
N GLY C 233 5.94 17.19 25.94
CA GLY C 233 4.97 17.33 27.00
C GLY C 233 4.19 16.06 27.26
N HIS C 234 3.52 16.02 28.41
CA HIS C 234 2.72 14.86 28.78
C HIS C 234 1.24 15.20 28.82
N LEU C 235 0.40 14.17 28.73
CA LEU C 235 -1.04 14.33 28.83
C LEU C 235 -1.59 13.41 29.91
N ARG C 236 -2.40 13.95 30.80
CA ARG C 236 -3.00 13.15 31.84
C ARG C 236 -4.49 13.39 31.99
N PRO C 237 -5.29 12.80 31.08
CA PRO C 237 -6.75 12.79 31.24
C PRO C 237 -7.16 11.89 32.39
N GLY C 238 -8.45 11.60 32.49
CA GLY C 238 -8.95 10.79 33.59
C GLY C 238 -8.46 9.36 33.59
N CYS C 239 -8.52 8.70 32.45
CA CYS C 239 -8.23 7.27 32.39
C CYS C 239 -7.10 6.91 31.42
N HIS C 240 -6.41 7.93 30.90
CA HIS C 240 -5.30 7.70 29.98
C HIS C 240 -4.11 8.59 30.30
N ALA C 241 -2.93 8.20 29.82
CA ALA C 241 -1.73 9.01 29.99
C ALA C 241 -0.85 8.87 28.75
N ALA C 242 -0.15 9.95 28.40
CA ALA C 242 0.70 9.94 27.23
C ALA C 242 1.88 10.89 27.35
N ASN C 243 2.99 10.53 26.71
CA ASN C 243 4.17 11.38 26.67
C ASN C 243 4.66 11.60 25.24
N MET C 244 4.85 12.86 24.87
CA MET C 244 5.30 13.19 23.52
C MET C 244 6.75 13.65 23.55
N GLU C 245 7.57 13.07 22.68
CA GLU C 245 8.98 13.39 22.62
C GLU C 245 9.45 13.60 21.20
N CYS C 246 10.48 14.42 21.04
CA CYS C 246 11.09 14.66 19.74
C CYS C 246 12.51 14.12 19.69
N TRP C 247 12.79 13.26 18.72
CA TRP C 247 14.11 12.70 18.53
C TRP C 247 14.61 13.12 17.17
N SER C 248 15.82 13.63 17.09
CA SER C 248 16.30 14.14 15.81
C SER C 248 17.82 14.16 15.66
N MET C 249 18.26 14.10 14.42
CA MET C 249 19.66 14.30 14.06
C MET C 249 19.93 15.78 13.81
N LEU C 250 18.86 16.58 13.85
CA LEU C 250 18.92 17.96 13.41
C LEU C 250 18.68 18.98 14.54
N MET C 251 18.98 18.61 15.78
CA MET C 251 18.96 19.58 16.87
C MET C 251 20.28 20.34 16.92
N SER C 252 20.22 21.61 17.29
CA SER C 252 21.41 22.45 17.37
C SER C 252 22.08 22.32 18.74
N ALA D 3 -5.58 -12.23 10.56
CA ALA D 3 -4.97 -12.41 11.87
C ALA D 3 -3.65 -11.66 11.96
N ARG D 4 -3.53 -10.79 12.96
CA ARG D 4 -2.31 -10.01 13.16
C ARG D 4 -1.39 -10.66 14.19
N ASP D 5 -0.19 -11.00 13.77
CA ASP D 5 0.77 -11.65 14.66
C ASP D 5 2.00 -10.76 14.93
N SER D 6 1.89 -9.49 14.59
CA SER D 6 3.01 -8.56 14.75
C SER D 6 2.65 -7.38 15.64
N PRO D 7 3.65 -6.81 16.34
CA PRO D 7 3.40 -5.72 17.29
C PRO D 7 3.29 -4.33 16.68
N TYR D 8 3.62 -4.18 15.39
CA TYR D 8 3.75 -2.85 14.81
C TYR D 8 2.84 -2.59 13.61
N GLY D 9 2.62 -1.31 13.32
CA GLY D 9 1.80 -0.89 12.21
C GLY D 9 2.43 0.23 11.40
N LEU D 10 2.63 0.00 10.11
CA LEU D 10 3.21 1.02 9.24
C LEU D 10 2.15 1.62 8.33
N SER D 11 2.13 2.95 8.23
CA SER D 11 1.19 3.63 7.36
C SER D 11 1.87 4.05 6.06
N GLN D 12 1.08 4.45 5.08
CA GLN D 12 1.60 4.98 3.84
C GLN D 12 2.25 6.34 4.08
N GLY D 13 3.32 6.61 3.35
CA GLY D 13 4.14 7.79 3.63
C GLY D 13 3.85 9.02 2.81
N ILE D 14 4.51 10.11 3.19
CA ILE D 14 4.51 11.34 2.42
C ILE D 14 5.95 11.58 1.95
N THR D 15 6.15 11.68 0.65
CA THR D 15 7.50 11.76 0.09
C THR D 15 7.83 13.11 -0.52
N LYS D 16 9.00 13.63 -0.15
CA LYS D 16 9.49 14.90 -0.66
C LYS D 16 10.61 14.69 -1.66
N ASP E 17 30.98 -0.30 -9.17
CA ASP E 17 30.19 -1.45 -8.75
C ASP E 17 30.41 -1.75 -7.27
N SER E 18 29.75 -0.98 -6.42
CA SER E 18 29.88 -1.15 -4.98
C SER E 18 28.53 -1.02 -4.29
N ILE E 19 28.42 -1.62 -3.11
CA ILE E 19 27.22 -1.48 -2.29
C ILE E 19 27.40 -0.31 -1.33
N ASP E 20 26.65 0.75 -1.57
CA ASP E 20 26.82 1.98 -0.80
C ASP E 20 25.84 2.10 0.35
N ASP E 21 25.28 0.95 0.76
CA ASP E 21 24.43 0.91 1.94
C ASP E 21 25.28 1.16 3.17
N LYS E 22 24.87 2.11 4.00
CA LYS E 22 25.64 2.49 5.18
C LYS E 22 25.80 1.34 6.17
N LYS E 23 24.74 0.56 6.33
CA LYS E 23 24.74 -0.55 7.28
C LYS E 23 25.53 -1.75 6.76
N TRP E 24 25.46 -1.96 5.44
CA TRP E 24 26.07 -3.11 4.79
C TRP E 24 27.58 -3.19 5.02
N SER E 25 28.20 -2.04 5.25
CA SER E 25 29.65 -1.95 5.41
C SER E 25 30.18 -2.70 6.62
N LYS E 26 29.36 -2.81 7.66
CA LYS E 26 29.80 -3.38 8.93
C LYS E 26 30.04 -4.89 8.87
N LEU E 27 29.09 -5.61 8.28
CA LEU E 27 29.19 -7.06 8.22
C LEU E 27 29.79 -7.57 6.92
N PHE E 28 29.63 -6.79 5.85
CA PHE E 28 30.04 -7.24 4.52
C PHE E 28 30.98 -6.27 3.82
N PRO E 29 31.73 -6.77 2.82
CA PRO E 29 32.55 -5.89 1.98
C PRO E 29 31.69 -5.05 1.03
N ARG E 30 32.14 -3.85 0.72
CA ARG E 30 31.43 -2.98 -0.21
C ARG E 30 31.46 -3.50 -1.64
N ILE E 31 32.58 -4.13 -2.00
CA ILE E 31 32.75 -4.65 -3.35
C ILE E 31 33.00 -6.16 -3.32
N VAL E 32 32.32 -6.90 -4.19
CA VAL E 32 32.41 -8.36 -4.18
C VAL E 32 32.73 -8.96 -5.55
N SER E 33 33.24 -8.14 -6.44
CA SER E 33 33.57 -8.58 -7.80
C SER E 33 34.84 -9.42 -7.85
N ASP E 34 35.88 -8.97 -7.16
CA ASP E 34 37.16 -9.68 -7.13
C ASP E 34 37.07 -10.96 -6.30
N PRO E 35 37.92 -11.96 -6.62
CA PRO E 35 37.87 -13.28 -5.95
C PRO E 35 37.99 -13.25 -4.42
N ASP E 36 38.92 -12.47 -3.88
CA ASP E 36 39.15 -12.46 -2.44
C ASP E 36 37.94 -11.94 -1.67
N ARG E 37 37.38 -10.83 -2.16
CA ARG E 37 36.21 -10.24 -1.53
C ARG E 37 34.95 -11.05 -1.82
N SER E 38 34.93 -11.73 -2.95
CA SER E 38 33.83 -12.63 -3.29
C SER E 38 33.82 -13.81 -2.33
N SER E 39 35.01 -14.32 -2.04
CA SER E 39 35.17 -15.40 -1.07
C SER E 39 34.87 -14.91 0.33
N ASN E 40 35.34 -13.71 0.65
CA ASN E 40 35.15 -13.13 1.97
C ASN E 40 33.68 -12.83 2.25
N PHE E 41 32.96 -12.37 1.23
CA PHE E 41 31.52 -12.15 1.38
C PHE E 41 30.83 -13.46 1.71
N MET E 42 31.23 -14.53 1.03
CA MET E 42 30.65 -15.86 1.24
C MET E 42 30.84 -16.33 2.67
N THR E 43 32.00 -16.05 3.24
CA THR E 43 32.29 -16.40 4.63
C THR E 43 31.32 -15.68 5.56
N ARG E 44 31.13 -14.39 5.32
CA ARG E 44 30.19 -13.59 6.10
C ARG E 44 28.75 -14.00 5.77
N ALA E 45 28.53 -14.44 4.55
CA ALA E 45 27.21 -14.92 4.12
C ALA E 45 26.78 -16.14 4.93
N ILE E 46 27.70 -17.09 5.07
CA ILE E 46 27.47 -18.29 5.88
C ILE E 46 27.20 -17.91 7.33
N TYR E 47 27.95 -16.93 7.84
CA TYR E 47 27.82 -16.51 9.23
C TYR E 47 26.44 -15.95 9.55
N VAL E 48 25.97 -15.03 8.71
CA VAL E 48 24.69 -14.35 8.92
C VAL E 48 23.51 -15.28 8.74
N ALA E 49 23.51 -16.05 7.66
CA ALA E 49 22.39 -16.92 7.33
C ALA E 49 22.15 -17.98 8.40
N PHE E 50 23.21 -18.67 8.82
CA PHE E 50 23.07 -19.72 9.82
C PHE E 50 22.78 -19.14 11.21
N SER E 51 23.26 -17.94 11.47
CA SER E 51 22.92 -17.24 12.70
C SER E 51 21.42 -17.00 12.73
N ALA E 52 20.88 -16.58 11.60
CA ALA E 52 19.44 -16.39 11.46
C ALA E 52 18.72 -17.72 11.65
N VAL E 53 19.27 -18.79 11.07
CA VAL E 53 18.70 -20.12 11.26
C VAL E 53 18.77 -20.53 12.73
N LEU E 54 19.95 -20.42 13.32
CA LEU E 54 20.15 -20.84 14.72
C LEU E 54 19.25 -20.09 15.69
N ARG E 55 19.05 -18.80 15.45
CA ARG E 55 18.22 -17.99 16.33
C ARG E 55 16.73 -18.19 16.07
N ASN E 56 16.31 -18.09 14.81
CA ASN E 56 14.89 -18.17 14.47
C ASN E 56 14.33 -19.59 14.59
N ARG E 57 15.20 -20.58 14.53
CA ARG E 57 14.76 -21.97 14.73
C ARG E 57 14.87 -22.33 16.22
N ASN E 58 15.31 -21.36 17.02
CA ASN E 58 15.38 -21.49 18.48
C ASN E 58 16.29 -22.63 18.96
N ILE E 59 17.31 -22.94 18.17
CA ILE E 59 18.32 -23.91 18.58
C ILE E 59 19.19 -23.28 19.67
N LEU E 60 19.46 -21.99 19.52
CA LEU E 60 20.18 -21.23 20.52
C LEU E 60 19.31 -20.09 21.03
N GLY E 61 19.53 -19.71 22.28
CA GLY E 61 18.81 -18.61 22.89
C GLY E 61 19.30 -17.25 22.41
N GLN E 62 18.54 -16.22 22.73
CA GLN E 62 18.84 -14.85 22.31
C GLN E 62 20.20 -14.38 22.80
N GLU E 63 20.64 -14.91 23.94
CA GLU E 63 21.85 -14.42 24.60
C GLU E 63 23.12 -14.70 23.78
N TYR E 64 23.02 -15.56 22.78
CA TYR E 64 24.17 -15.89 21.95
C TYR E 64 24.19 -15.06 20.67
N PHE E 65 23.26 -14.12 20.56
CA PHE E 65 23.12 -13.33 19.33
C PHE E 65 23.16 -11.83 19.58
N THR E 66 23.77 -11.09 18.66
CA THR E 66 23.75 -9.64 18.70
C THR E 66 22.92 -9.10 17.55
N LYS E 67 22.16 -8.04 17.81
CA LYS E 67 21.37 -7.38 16.78
C LYS E 67 22.27 -6.61 15.84
N ASN E 68 22.19 -6.93 14.55
CA ASN E 68 22.94 -6.22 13.53
C ASN E 68 22.05 -5.83 12.35
N TYR E 69 22.35 -4.68 11.76
CA TYR E 69 21.74 -4.33 10.48
C TYR E 69 22.42 -5.16 9.41
N ILE E 70 21.68 -5.48 8.36
CA ILE E 70 22.29 -6.04 7.16
C ILE E 70 22.22 -4.97 6.08
N THR E 71 21.04 -4.37 5.95
CA THR E 71 20.85 -3.16 5.16
C THR E 71 20.04 -2.19 6.00
N GLU E 72 19.70 -1.05 5.41
CA GLU E 72 18.88 -0.05 6.11
C GLU E 72 17.45 -0.55 6.25
N LYS E 73 17.09 -1.55 5.44
CA LYS E 73 15.74 -2.11 5.44
C LYS E 73 15.58 -3.29 6.40
N LEU E 74 16.66 -4.02 6.65
CA LEU E 74 16.56 -5.30 7.35
C LEU E 74 17.54 -5.45 8.50
N LYS E 75 17.05 -5.98 9.62
CA LYS E 75 17.89 -6.33 10.75
C LYS E 75 17.98 -7.85 10.89
N CYS E 76 18.99 -8.32 11.61
CA CYS E 76 19.17 -9.75 11.82
C CYS E 76 19.97 -10.06 13.09
N MET E 77 19.66 -11.21 13.68
CA MET E 77 20.39 -11.70 14.84
C MET E 77 21.61 -12.47 14.35
N THR E 78 22.79 -12.08 14.83
CA THR E 78 24.02 -12.76 14.42
C THR E 78 24.78 -13.26 15.64
N LEU E 79 25.49 -14.37 15.46
CA LEU E 79 26.23 -15.01 16.54
C LEU E 79 27.17 -14.03 17.23
N CYS E 80 27.03 -13.93 18.55
CA CYS E 80 27.79 -12.97 19.35
C CYS E 80 29.26 -13.37 19.49
N PHE E 81 30.15 -12.44 19.17
CA PHE E 81 31.57 -12.67 19.27
C PHE E 81 32.07 -12.56 20.71
N ARG E 82 31.26 -11.93 21.56
CA ARG E 82 31.67 -11.65 22.93
C ARG E 82 31.10 -12.65 23.93
N ASN E 83 30.45 -13.69 23.41
CA ASN E 83 30.05 -14.83 24.22
C ASN E 83 30.88 -16.05 23.83
N LEU E 84 31.37 -16.79 24.82
CA LEU E 84 32.28 -17.90 24.58
C LEU E 84 31.72 -18.95 23.63
N ARG E 85 30.51 -19.44 23.92
CA ARG E 85 29.91 -20.50 23.12
C ARG E 85 29.57 -20.04 21.72
N SER E 86 29.05 -18.82 21.61
CA SER E 86 28.64 -18.30 20.32
C SER E 86 29.86 -17.96 19.47
N ASN E 87 30.93 -17.53 20.12
CA ASN E 87 32.19 -17.25 19.43
C ASN E 87 32.79 -18.53 18.87
N GLN E 88 32.64 -19.61 19.62
CA GLN E 88 33.09 -20.94 19.21
C GLN E 88 32.41 -21.35 17.91
N ILE E 89 31.09 -21.21 17.86
CA ILE E 89 30.31 -21.58 16.69
C ILE E 89 30.58 -20.67 15.50
N ALA E 90 30.76 -19.37 15.77
CA ALA E 90 31.05 -18.42 14.71
C ALA E 90 32.39 -18.75 14.06
N GLN E 91 33.35 -19.15 14.89
CA GLN E 91 34.66 -19.54 14.42
C GLN E 91 34.57 -20.79 13.55
N LEU E 92 33.64 -21.68 13.90
CA LEU E 92 33.39 -22.88 13.12
C LEU E 92 32.91 -22.51 11.72
N LEU E 93 32.01 -21.54 11.64
CA LEU E 93 31.47 -21.10 10.37
C LEU E 93 32.49 -20.29 9.58
N ARG E 94 33.39 -19.62 10.28
CA ARG E 94 34.42 -18.83 9.64
C ARG E 94 35.45 -19.73 8.95
N ASN E 95 35.76 -20.85 9.59
CA ASN E 95 36.73 -21.81 9.03
C ASN E 95 36.20 -22.45 7.75
N ALA E 96 34.95 -22.91 7.79
CA ALA E 96 34.31 -23.45 6.61
C ALA E 96 34.24 -22.40 5.51
N GLY E 97 34.03 -21.15 5.92
CA GLY E 97 33.95 -20.04 5.00
C GLY E 97 35.28 -19.72 4.32
N ASP E 98 36.37 -19.97 5.04
CA ASP E 98 37.70 -19.69 4.50
C ASP E 98 38.12 -20.73 3.46
N ALA E 99 37.48 -21.88 3.49
CA ALA E 99 37.77 -22.95 2.53
C ALA E 99 37.22 -22.58 1.16
N THR E 100 36.37 -21.56 1.13
CA THR E 100 35.77 -21.06 -0.09
C THR E 100 36.79 -20.40 -1.01
N LYS E 101 37.85 -19.82 -0.43
CA LYS E 101 38.78 -19.01 -1.20
C LYS E 101 39.48 -19.77 -2.31
N ASP E 102 39.89 -21.00 -2.03
CA ASP E 102 40.60 -21.81 -3.04
C ASP E 102 39.70 -22.88 -3.63
N GLY E 103 38.40 -22.75 -3.41
CA GLY E 103 37.43 -23.69 -3.94
C GLY E 103 37.50 -25.08 -3.34
N PHE E 104 37.61 -25.14 -2.01
CA PHE E 104 37.73 -26.42 -1.32
C PHE E 104 36.45 -26.82 -0.60
N LEU E 105 35.41 -26.00 -0.72
CA LEU E 105 34.18 -26.22 0.03
C LEU E 105 32.97 -26.44 -0.87
N LYS E 106 32.42 -27.65 -0.86
CA LYS E 106 31.29 -27.99 -1.70
C LYS E 106 29.96 -27.63 -1.04
N GLU E 107 29.88 -27.86 0.27
CA GLU E 107 28.64 -27.65 0.99
C GLU E 107 28.87 -27.53 2.50
N VAL E 108 28.18 -26.58 3.13
CA VAL E 108 28.08 -26.53 4.59
C VAL E 108 26.60 -26.60 4.95
N SER E 109 26.27 -27.40 5.95
CA SER E 109 24.87 -27.59 6.31
C SER E 109 24.67 -27.74 7.80
N LEU E 110 23.57 -27.16 8.30
CA LEU E 110 23.15 -27.39 9.67
C LEU E 110 22.26 -28.62 9.71
N VAL E 111 22.77 -29.71 10.28
CA VAL E 111 22.06 -30.97 10.29
C VAL E 111 21.47 -31.27 11.66
N ILE E 112 20.14 -31.37 11.70
CA ILE E 112 19.42 -31.65 12.94
C ILE E 112 18.90 -33.08 12.94
N THR E 113 19.25 -33.82 14.00
CA THR E 113 18.84 -35.21 14.12
C THR E 113 18.23 -35.51 15.48
N ASN E 114 17.51 -36.62 15.56
CA ASN E 114 16.96 -37.10 16.83
C ASN E 114 18.06 -37.33 17.86
N ASN E 115 19.07 -38.09 17.48
CA ASN E 115 20.19 -38.38 18.37
C ASN E 115 21.53 -38.03 17.74
N GLU E 116 22.50 -37.70 18.59
CA GLU E 116 23.87 -37.49 18.15
C GLU E 116 24.60 -38.82 18.07
N GLY E 117 25.07 -39.19 16.87
CA GLY E 117 24.87 -38.39 15.68
C GLY E 117 24.36 -39.24 14.53
N ASP E 118 23.06 -39.13 14.28
CA ASP E 118 22.40 -39.94 13.26
C ASP E 118 22.86 -39.59 11.86
N LEU E 119 22.70 -40.53 10.94
CA LEU E 119 23.00 -40.29 9.53
C LEU E 119 21.83 -39.58 8.85
N GLU E 120 20.62 -40.05 9.14
CA GLU E 120 19.40 -39.47 8.57
C GLU E 120 18.93 -38.30 9.42
N ALA E 121 18.65 -37.17 8.75
CA ALA E 121 18.32 -35.94 9.44
C ALA E 121 16.82 -35.69 9.51
N ILE E 122 16.40 -35.07 10.61
CA ILE E 122 15.05 -34.55 10.74
C ILE E 122 14.88 -33.28 9.90
N GLU E 123 15.87 -32.41 9.99
CA GLU E 123 15.83 -31.12 9.33
C GLU E 123 17.22 -30.66 8.91
N VAL E 124 17.31 -30.06 7.73
CA VAL E 124 18.59 -29.59 7.20
C VAL E 124 18.50 -28.18 6.63
N PHE E 125 19.46 -27.34 7.00
CA PHE E 125 19.65 -26.04 6.37
C PHE E 125 21.00 -26.04 5.67
N SER E 126 20.98 -26.11 4.34
CA SER E 126 22.21 -26.36 3.58
C SER E 126 22.63 -25.20 2.67
N MET E 127 23.94 -25.04 2.51
CA MET E 127 24.50 -24.11 1.53
C MET E 127 25.49 -24.85 0.65
N LYS E 128 25.21 -24.88 -0.65
CA LYS E 128 26.04 -25.62 -1.61
C LYS E 128 26.72 -24.66 -2.57
N PHE E 129 28.01 -24.85 -2.77
CA PHE E 129 28.83 -23.85 -3.48
C PHE E 129 29.37 -24.33 -4.83
N ILE E 130 29.67 -23.35 -5.69
CA ILE E 130 30.25 -23.59 -7.00
C ILE E 130 31.21 -22.44 -7.32
N TYR E 131 32.29 -22.73 -8.03
CA TYR E 131 33.35 -21.74 -8.21
C TYR E 131 33.62 -21.29 -9.63
N PHE E 132 33.71 -19.99 -9.81
CA PHE E 132 34.23 -19.42 -11.04
C PHE E 132 35.61 -18.90 -10.63
N GLU E 133 36.67 -19.41 -11.24
CA GLU E 133 38.00 -19.28 -10.65
C GLU E 133 38.53 -17.87 -10.46
N ASN E 134 38.38 -17.02 -11.46
CA ASN E 134 38.89 -15.66 -11.35
C ASN E 134 37.95 -14.62 -11.92
N GLY E 135 36.66 -14.76 -11.62
CA GLY E 135 35.68 -13.91 -12.26
C GLY E 135 35.39 -14.39 -13.67
N GLY E 136 35.74 -15.64 -13.92
CA GLY E 136 35.44 -16.28 -15.18
C GLY E 136 33.95 -16.50 -15.34
N VAL E 137 33.50 -16.50 -16.60
CA VAL E 137 32.09 -16.70 -16.91
C VAL E 137 31.65 -18.13 -16.61
N VAL E 138 32.49 -19.08 -16.97
CA VAL E 138 32.16 -20.50 -16.81
C VAL E 138 32.46 -21.02 -15.40
N ALA E 139 31.54 -21.79 -14.86
CA ALA E 139 31.73 -22.40 -13.54
C ALA E 139 32.63 -23.63 -13.63
N ARG E 140 33.35 -23.92 -12.54
CA ARG E 140 34.07 -25.18 -12.45
C ARG E 140 33.08 -26.31 -12.24
N LEU E 141 33.33 -27.45 -12.88
CA LEU E 141 32.43 -28.58 -12.78
C LEU E 141 32.46 -29.16 -11.37
N SER E 142 31.28 -29.44 -10.82
CA SER E 142 31.17 -30.09 -9.53
C SER E 142 30.43 -31.41 -9.68
N THR E 143 31.11 -32.51 -9.41
CA THR E 143 30.58 -33.82 -9.72
C THR E 143 30.73 -34.85 -8.62
N ASP E 144 29.99 -35.93 -8.82
CA ASP E 144 30.11 -37.16 -8.09
C ASP E 144 31.49 -37.73 -8.37
N LYS E 145 32.09 -38.48 -7.47
CA LYS E 145 31.49 -39.49 -6.61
C LYS E 145 31.20 -40.71 -7.49
N ASN E 146 30.38 -40.49 -8.51
CA ASN E 146 30.16 -41.41 -9.61
C ASN E 146 30.43 -40.73 -10.96
N GLY E 147 30.86 -39.48 -10.93
CA GLY E 147 31.02 -38.68 -12.13
C GLY E 147 29.74 -37.97 -12.57
N GLN E 148 28.66 -38.19 -11.84
CA GLN E 148 27.41 -37.49 -12.12
C GLN E 148 27.40 -36.04 -11.65
N GLU E 149 26.70 -35.20 -12.39
CA GLU E 149 26.59 -33.78 -12.06
C GLU E 149 25.90 -33.58 -10.71
N ASP E 150 26.48 -32.70 -9.89
CA ASP E 150 25.88 -32.35 -8.60
C ASP E 150 24.55 -31.65 -8.83
N PRO E 151 23.54 -31.97 -7.98
CA PRO E 151 22.18 -31.44 -8.13
C PRO E 151 22.10 -29.91 -8.13
N HIS E 152 22.95 -29.27 -7.33
CA HIS E 152 22.92 -27.82 -7.21
C HIS E 152 23.69 -27.12 -8.32
N PHE E 153 24.30 -27.90 -9.21
CA PHE E 153 25.20 -27.31 -10.20
C PHE E 153 24.51 -26.50 -11.29
N ALA E 154 23.62 -27.14 -12.03
CA ALA E 154 22.97 -26.51 -13.19
C ALA E 154 22.41 -25.13 -12.89
N LYS E 155 21.66 -25.04 -11.80
CA LYS E 155 21.00 -23.80 -11.38
C LYS E 155 22.00 -22.66 -11.13
N LEU E 156 23.08 -22.97 -10.42
CA LEU E 156 24.06 -21.96 -10.06
C LEU E 156 25.00 -21.64 -11.21
N ALA E 157 25.28 -22.63 -12.05
CA ALA E 157 26.21 -22.47 -13.16
C ALA E 157 25.71 -21.50 -14.22
N GLN E 158 24.39 -21.48 -14.41
CA GLN E 158 23.79 -20.59 -15.40
C GLN E 158 23.81 -19.14 -14.97
N LEU E 159 23.93 -18.92 -13.66
CA LEU E 159 23.84 -17.56 -13.11
C LEU E 159 24.99 -16.65 -13.55
N VAL E 160 24.68 -15.37 -13.67
CA VAL E 160 25.65 -14.35 -14.04
C VAL E 160 25.80 -13.33 -12.92
N TYR E 161 27.04 -12.95 -12.62
CA TYR E 161 27.28 -11.87 -11.66
C TYR E 161 26.72 -10.57 -12.21
N GLU E 162 25.80 -9.96 -11.47
CA GLU E 162 25.07 -8.78 -11.95
C GLU E 162 25.38 -7.52 -11.15
N GLY E 163 26.50 -7.52 -10.45
CA GLY E 163 26.89 -6.36 -9.65
C GLY E 163 26.63 -6.57 -8.18
N GLY E 164 27.14 -5.64 -7.37
CA GLY E 164 27.06 -5.75 -5.92
C GLY E 164 25.66 -5.62 -5.35
N ASP E 165 24.85 -4.76 -5.95
CA ASP E 165 23.51 -4.51 -5.42
C ASP E 165 22.59 -5.72 -5.57
N SER E 166 22.83 -6.53 -6.60
CA SER E 166 22.07 -7.76 -6.77
C SER E 166 22.43 -8.75 -5.66
N VAL E 167 23.70 -8.78 -5.31
CA VAL E 167 24.20 -9.60 -4.21
C VAL E 167 23.60 -9.16 -2.88
N ARG E 168 23.53 -7.84 -2.69
CA ARG E 168 22.91 -7.27 -1.50
C ARG E 168 21.46 -7.73 -1.37
N ASP E 169 20.73 -7.68 -2.47
CA ASP E 169 19.34 -8.13 -2.49
C ASP E 169 19.26 -9.63 -2.23
N GLN E 170 20.21 -10.37 -2.79
CA GLN E 170 20.28 -11.82 -2.61
C GLN E 170 20.51 -12.18 -1.15
N MET E 171 21.31 -11.38 -0.46
CA MET E 171 21.57 -11.61 0.94
C MET E 171 20.35 -11.31 1.81
N VAL E 172 19.67 -10.21 1.50
CA VAL E 172 18.45 -9.85 2.22
C VAL E 172 17.36 -10.89 2.01
N THR E 173 17.20 -11.33 0.76
CA THR E 173 16.22 -12.35 0.38
C THR E 173 16.40 -13.62 1.21
N ILE E 174 17.66 -14.05 1.34
CA ILE E 174 17.99 -15.24 2.12
C ILE E 174 17.58 -15.10 3.58
N VAL E 175 17.89 -13.96 4.18
CA VAL E 175 17.56 -13.70 5.58
C VAL E 175 16.05 -13.60 5.77
N ARG E 176 15.38 -12.92 4.84
CA ARG E 176 13.92 -12.80 4.86
C ARG E 176 13.25 -14.16 4.73
N SER E 177 13.87 -15.04 3.93
CA SER E 177 13.32 -16.37 3.68
C SER E 177 13.44 -17.27 4.90
N VAL E 178 14.58 -17.21 5.59
CA VAL E 178 14.79 -17.99 6.79
C VAL E 178 13.80 -17.59 7.87
N GLN E 179 13.61 -16.28 8.04
CA GLN E 179 12.66 -15.77 9.02
C GLN E 179 11.24 -16.24 8.70
N PHE E 180 10.89 -16.20 7.42
CA PHE E 180 9.56 -16.64 6.99
C PHE E 180 9.33 -18.12 7.26
N LEU E 181 10.30 -18.95 6.90
CA LEU E 181 10.17 -20.40 7.06
C LEU E 181 10.06 -20.81 8.52
N CYS E 182 10.87 -20.19 9.38
CA CYS E 182 10.85 -20.52 10.80
C CYS E 182 9.59 -20.00 11.48
N THR E 183 9.08 -18.87 10.99
CA THR E 183 7.92 -18.23 11.58
C THR E 183 6.59 -18.81 11.08
N LYS E 184 6.48 -19.01 9.77
CA LYS E 184 5.19 -19.35 9.17
C LYS E 184 5.06 -20.77 8.64
N VAL E 185 6.17 -21.41 8.30
CA VAL E 185 6.11 -22.70 7.62
C VAL E 185 6.48 -23.89 8.51
N LEU E 186 7.59 -23.77 9.22
CA LEU E 186 8.14 -24.90 9.96
C LEU E 186 7.51 -25.12 11.34
N GLU E 187 7.10 -26.36 11.59
CA GLU E 187 6.62 -26.77 12.90
C GLU E 187 7.77 -26.77 13.89
N PRO E 188 7.47 -26.64 15.19
CA PRO E 188 8.56 -26.60 16.17
C PRO E 188 9.38 -27.88 16.21
N LEU E 189 10.66 -27.73 16.53
CA LEU E 189 11.58 -28.85 16.68
C LEU E 189 11.21 -29.72 17.88
N PRO E 190 11.60 -31.01 17.84
CA PRO E 190 11.34 -31.89 18.98
C PRO E 190 11.94 -31.39 20.28
N GLU E 191 11.46 -31.88 21.42
CA GLU E 191 11.95 -31.44 22.72
C GLU E 191 13.44 -31.71 22.86
N GLU E 192 13.87 -32.89 22.38
CA GLU E 192 15.29 -33.20 22.36
C GLU E 192 15.79 -33.50 20.95
N PHE E 193 16.88 -32.84 20.57
CA PHE E 193 17.49 -33.06 19.27
C PHE E 193 18.98 -32.73 19.36
N THR E 194 19.72 -33.05 18.30
CA THR E 194 21.11 -32.64 18.23
C THR E 194 21.38 -31.98 16.89
N ALA E 195 21.95 -30.78 16.94
CA ALA E 195 22.27 -30.05 15.72
C ALA E 195 23.76 -29.80 15.61
N ASN E 196 24.34 -30.22 14.49
CA ASN E 196 25.77 -30.01 14.25
C ASN E 196 26.00 -29.54 12.82
N PHE E 197 27.22 -29.10 12.53
CA PHE E 197 27.56 -28.64 11.19
C PHE E 197 28.31 -29.73 10.44
N ARG E 198 27.79 -30.10 9.28
CA ARG E 198 28.41 -31.11 8.44
C ARG E 198 28.77 -30.51 7.08
N LEU E 199 30.01 -30.70 6.65
CA LEU E 199 30.44 -30.15 5.38
C LEU E 199 31.01 -31.20 4.43
N GLU E 200 31.03 -30.87 3.15
CA GLU E 200 31.67 -31.71 2.15
C GLU E 200 32.78 -30.95 1.43
N TYR E 201 33.97 -31.53 1.43
CA TYR E 201 35.10 -30.97 0.70
C TYR E 201 34.92 -31.18 -0.80
N THR E 202 35.55 -30.33 -1.60
CA THR E 202 35.57 -30.55 -3.03
C THR E 202 36.67 -31.55 -3.37
N ASN E 203 36.60 -32.13 -4.57
CA ASN E 203 37.61 -33.07 -5.03
C ASN E 203 38.96 -32.38 -5.18
N ASP E 204 38.92 -31.12 -5.58
CA ASP E 204 40.13 -30.32 -5.78
C ASP E 204 40.93 -30.17 -4.50
N ALA E 205 40.25 -30.24 -3.35
CA ALA E 205 40.90 -30.05 -2.07
C ALA E 205 41.91 -31.16 -1.77
N PRO E 206 43.16 -30.77 -1.51
CA PRO E 206 44.26 -31.70 -1.24
C PRO E 206 44.04 -32.57 -0.02
N SER E 207 44.84 -33.62 0.13
CA SER E 207 44.72 -34.51 1.27
C SER E 207 45.27 -33.83 2.52
N ASN E 208 46.18 -32.89 2.34
CA ASN E 208 46.76 -32.15 3.46
C ASN E 208 45.77 -31.16 4.06
N PHE E 209 44.91 -30.60 3.20
CA PHE E 209 43.97 -29.58 3.65
C PHE E 209 42.85 -30.16 4.49
N ARG E 210 42.62 -29.55 5.64
CA ARG E 210 41.52 -29.89 6.52
C ARG E 210 40.95 -28.60 7.10
N ILE E 211 39.65 -28.61 7.41
CA ILE E 211 39.00 -27.45 7.98
C ILE E 211 38.91 -27.59 9.49
N ASP E 212 39.46 -26.61 10.21
CA ASP E 212 39.50 -26.63 11.67
C ASP E 212 38.12 -26.73 12.28
N GLY E 213 37.97 -27.68 13.21
CA GLY E 213 36.73 -27.86 13.93
C GLY E 213 35.82 -28.93 13.36
N PHE E 214 36.21 -29.50 12.24
CA PHE E 214 35.43 -30.54 11.59
C PHE E 214 36.20 -31.84 11.48
N GLU E 215 35.69 -32.89 12.13
CA GLU E 215 36.28 -34.22 12.05
C GLU E 215 36.16 -34.79 10.64
N ASP E 216 37.16 -35.56 10.22
CA ASP E 216 37.04 -36.31 8.97
C ASP E 216 35.92 -37.32 9.12
N SER E 217 35.16 -37.53 8.06
CA SER E 217 34.03 -38.46 8.12
C SER E 217 33.79 -39.14 6.78
N SER E 218 33.54 -40.45 6.82
CA SER E 218 33.18 -41.18 5.62
C SER E 218 31.68 -41.02 5.37
N THR E 219 30.98 -40.48 6.35
CA THR E 219 29.54 -40.28 6.25
C THR E 219 29.20 -38.79 6.36
N PHE E 220 28.23 -38.37 5.55
CA PHE E 220 27.78 -37.00 5.52
C PHE E 220 26.45 -36.87 6.24
N TYR E 221 25.37 -36.83 5.46
CA TYR E 221 24.02 -36.92 5.99
C TYR E 221 23.07 -37.45 4.92
N THR E 222 21.92 -37.96 5.35
CA THR E 222 20.92 -38.46 4.42
C THR E 222 19.54 -37.92 4.77
N LEU E 223 18.64 -37.94 3.81
CA LEU E 223 17.27 -37.48 4.01
C LEU E 223 16.29 -38.62 3.88
N PRO E 224 15.20 -38.58 4.67
CA PRO E 224 14.11 -39.55 4.48
C PRO E 224 13.47 -39.41 3.10
N ASP E 225 12.82 -40.48 2.64
CA ASP E 225 12.25 -40.51 1.30
C ASP E 225 11.06 -39.57 1.16
N ASP E 226 10.43 -39.23 2.27
CA ASP E 226 9.26 -38.36 2.28
C ASP E 226 9.61 -36.94 2.68
N ILE E 227 10.83 -36.52 2.37
CA ILE E 227 11.32 -35.22 2.83
C ILE E 227 10.77 -34.07 1.99
N GLN E 228 10.46 -32.97 2.67
CA GLN E 228 9.96 -31.77 1.99
C GLN E 228 11.05 -30.72 1.93
N SER E 229 11.01 -29.90 0.89
CA SER E 229 12.07 -28.92 0.68
C SER E 229 11.51 -27.53 0.34
N ALA E 230 12.40 -26.54 0.43
CA ALA E 230 12.08 -25.18 0.03
C ALA E 230 13.36 -24.44 -0.31
N THR E 231 13.25 -23.45 -1.18
CA THR E 231 14.40 -22.65 -1.57
C THR E 231 14.52 -21.41 -0.71
N ILE E 232 15.63 -21.27 -0.01
CA ILE E 232 15.89 -20.09 0.81
C ILE E 232 16.41 -18.94 -0.05
N GLY E 233 17.31 -19.24 -0.97
CA GLY E 233 17.84 -18.23 -1.87
C GLY E 233 19.22 -18.55 -2.37
N HIS E 234 19.66 -17.84 -3.40
CA HIS E 234 20.97 -18.08 -3.98
C HIS E 234 21.85 -16.84 -3.88
N LEU E 235 23.16 -17.07 -3.96
CA LEU E 235 24.13 -15.99 -3.92
C LEU E 235 24.99 -15.99 -5.18
N ARG E 236 25.22 -14.82 -5.74
CA ARG E 236 26.07 -14.72 -6.92
C ARG E 236 26.98 -13.50 -6.88
N PRO E 237 28.03 -13.56 -6.03
CA PRO E 237 29.10 -12.57 -6.18
C PRO E 237 29.98 -12.88 -7.38
N GLY E 238 31.06 -12.14 -7.56
CA GLY E 238 31.88 -12.22 -8.75
C GLY E 238 32.45 -13.59 -9.08
N CYS E 239 33.05 -14.25 -8.10
CA CYS E 239 33.76 -15.50 -8.36
C CYS E 239 33.16 -16.70 -7.63
N HIS E 240 31.99 -16.52 -7.05
CA HIS E 240 31.34 -17.62 -6.33
C HIS E 240 29.83 -17.65 -6.52
N ALA E 241 29.26 -18.83 -6.37
CA ALA E 241 27.81 -19.01 -6.39
C ALA E 241 27.41 -20.05 -5.35
N ALA E 242 26.29 -19.82 -4.68
CA ALA E 242 25.83 -20.76 -3.66
C ALA E 242 24.31 -20.74 -3.55
N ASN E 243 23.74 -21.92 -3.33
CA ASN E 243 22.30 -22.05 -3.15
C ASN E 243 21.96 -22.55 -1.76
N MET E 244 21.02 -21.90 -1.09
CA MET E 244 20.61 -22.29 0.25
C MET E 244 19.20 -22.87 0.24
N GLU E 245 19.04 -24.04 0.86
CA GLU E 245 17.76 -24.74 0.85
C GLU E 245 17.42 -25.27 2.25
N CYS E 246 16.14 -25.54 2.47
CA CYS E 246 15.67 -26.10 3.74
C CYS E 246 14.93 -27.42 3.51
N TRP E 247 15.47 -28.49 4.09
CA TRP E 247 14.82 -29.80 4.05
C TRP E 247 14.32 -30.14 5.45
N SER E 248 13.08 -30.61 5.58
CA SER E 248 12.52 -30.85 6.90
C SER E 248 11.38 -31.86 6.92
N MET E 249 11.20 -32.50 8.07
CA MET E 249 10.05 -33.36 8.34
C MET E 249 8.87 -32.53 8.86
N LEU E 250 9.15 -31.29 9.24
CA LEU E 250 8.19 -30.49 9.98
C LEU E 250 7.59 -29.37 9.14
N MET E 251 7.35 -29.62 7.86
CA MET E 251 6.78 -28.58 7.00
C MET E 251 5.27 -28.48 7.14
N SER E 252 4.70 -27.43 6.56
CA SER E 252 3.29 -27.08 6.73
C SER E 252 2.99 -26.85 8.22
N ALA F 3 46.59 -36.30 7.02
CA ALA F 3 46.17 -36.98 5.82
C ALA F 3 44.66 -37.24 5.81
N ARG F 4 43.94 -36.46 5.02
CA ARG F 4 42.49 -36.59 4.93
C ARG F 4 42.07 -37.40 3.71
N ASP F 5 41.52 -38.58 3.95
CA ASP F 5 41.05 -39.47 2.89
C ASP F 5 39.60 -39.20 2.51
N SER F 6 38.76 -38.95 3.51
CA SER F 6 37.32 -38.82 3.30
C SER F 6 36.90 -37.41 2.90
N PRO F 7 35.71 -37.27 2.28
CA PRO F 7 35.29 -35.95 1.80
C PRO F 7 34.31 -35.21 2.72
N TYR F 8 34.08 -35.70 3.93
CA TYR F 8 33.09 -35.08 4.80
C TYR F 8 33.68 -34.60 6.13
N GLY F 9 33.03 -33.60 6.71
CA GLY F 9 33.46 -33.03 7.97
C GLY F 9 32.32 -32.88 8.97
N LEU F 10 32.56 -33.33 10.20
CA LEU F 10 31.54 -33.23 11.24
C LEU F 10 32.03 -32.33 12.38
N SER F 11 31.24 -31.29 12.66
CA SER F 11 31.53 -30.41 13.79
C SER F 11 30.93 -30.99 15.06
N GLN F 12 31.40 -30.51 16.20
CA GLN F 12 30.75 -30.81 17.47
C GLN F 12 29.39 -30.13 17.47
N GLY F 13 28.42 -30.73 18.16
CA GLY F 13 27.04 -30.26 18.06
C GLY F 13 26.49 -29.49 19.23
N ILE F 14 25.22 -29.09 19.07
CA ILE F 14 24.44 -28.50 20.13
C ILE F 14 23.29 -29.43 20.46
N THR F 15 23.20 -29.86 21.71
CA THR F 15 22.16 -30.80 22.11
C THR F 15 21.14 -30.14 23.02
N LYS F 16 19.95 -30.73 23.11
CA LYS F 16 18.87 -30.18 23.91
C LYS F 16 18.23 -31.26 24.77
N ASP G 17 7.08 20.54 -23.81
CA ASP G 17 6.12 19.91 -22.91
C ASP G 17 4.87 19.45 -23.66
N SER G 18 4.64 18.14 -23.65
CA SER G 18 3.46 17.57 -24.27
C SER G 18 2.77 16.60 -23.32
N ILE G 19 1.45 16.62 -23.30
CA ILE G 19 0.68 15.71 -22.47
C ILE G 19 0.38 14.44 -23.26
N ASP G 20 1.04 13.35 -22.90
CA ASP G 20 1.03 12.14 -23.72
C ASP G 20 0.05 11.07 -23.26
N ASP G 21 -0.80 11.39 -22.29
CA ASP G 21 -1.80 10.44 -21.82
C ASP G 21 -2.77 10.10 -22.94
N LYS G 22 -2.99 8.80 -23.17
CA LYS G 22 -3.85 8.34 -24.26
C LYS G 22 -5.27 8.89 -24.15
N LYS G 23 -5.74 9.00 -22.91
CA LYS G 23 -7.13 9.40 -22.65
C LYS G 23 -7.34 10.91 -22.68
N TRP G 24 -6.31 11.65 -22.27
CA TRP G 24 -6.39 13.10 -22.10
C TRP G 24 -6.71 13.84 -23.41
N SER G 25 -6.22 13.31 -24.51
CA SER G 25 -6.31 13.96 -25.81
C SER G 25 -7.73 14.23 -26.30
N LYS G 26 -8.67 13.35 -25.93
CA LYS G 26 -10.03 13.46 -26.42
C LYS G 26 -10.74 14.71 -25.91
N LEU G 27 -10.68 14.92 -24.59
CA LEU G 27 -11.33 16.08 -23.98
C LEU G 27 -10.47 17.34 -23.99
N PHE G 28 -9.15 17.17 -23.97
CA PHE G 28 -8.24 18.29 -23.76
C PHE G 28 -7.18 18.41 -24.84
N PRO G 29 -6.59 19.63 -24.99
CA PRO G 29 -5.44 19.78 -25.88
C PRO G 29 -4.21 19.04 -25.40
N ARG G 30 -3.42 18.51 -26.33
CA ARG G 30 -2.15 17.86 -26.00
C ARG G 30 -1.17 18.88 -25.44
N ILE G 31 -1.23 20.09 -25.97
CA ILE G 31 -0.30 21.16 -25.60
C ILE G 31 -1.08 22.35 -25.06
N VAL G 32 -0.57 22.97 -23.98
CA VAL G 32 -1.27 24.07 -23.33
C VAL G 32 -0.37 25.28 -23.05
N SER G 33 0.79 25.30 -23.71
CA SER G 33 1.78 26.34 -23.48
C SER G 33 1.47 27.66 -24.17
N ASP G 34 1.02 27.58 -25.42
CA ASP G 34 0.76 28.78 -26.22
C ASP G 34 -0.58 29.41 -25.85
N PRO G 35 -0.78 30.72 -26.18
CA PRO G 35 -2.02 31.41 -25.82
C PRO G 35 -3.31 30.72 -26.24
N ASP G 36 -3.43 30.33 -27.51
CA ASP G 36 -4.67 29.75 -28.02
C ASP G 36 -5.07 28.47 -27.28
N ARG G 37 -4.11 27.57 -27.11
CA ARG G 37 -4.35 26.29 -26.46
C ARG G 37 -4.53 26.43 -24.96
N SER G 38 -3.87 27.42 -24.38
CA SER G 38 -4.03 27.70 -22.95
C SER G 38 -5.47 28.16 -22.68
N SER G 39 -6.00 28.97 -23.58
CA SER G 39 -7.38 29.45 -23.47
C SER G 39 -8.36 28.32 -23.74
N ASN G 40 -8.04 27.49 -24.73
CA ASN G 40 -8.88 26.36 -25.10
C ASN G 40 -9.00 25.32 -24.00
N PHE G 41 -7.88 25.02 -23.35
CA PHE G 41 -7.88 24.07 -22.24
C PHE G 41 -8.79 24.57 -21.13
N MET G 42 -8.70 25.86 -20.83
CA MET G 42 -9.53 26.49 -19.81
C MET G 42 -11.00 26.29 -20.10
N THR G 43 -11.37 26.39 -21.38
CA THR G 43 -12.74 26.18 -21.82
C THR G 43 -13.15 24.73 -21.57
N ARG G 44 -12.28 23.81 -21.93
CA ARG G 44 -12.51 22.40 -21.66
C ARG G 44 -12.51 22.15 -20.15
N ALA G 45 -11.61 22.82 -19.45
CA ALA G 45 -11.51 22.74 -17.98
C ALA G 45 -12.83 23.08 -17.32
N ILE G 46 -13.36 24.26 -17.66
CA ILE G 46 -14.65 24.72 -17.16
C ILE G 46 -15.74 23.69 -17.40
N TYR G 47 -15.77 23.15 -18.61
CA TYR G 47 -16.74 22.13 -18.99
C TYR G 47 -16.66 20.89 -18.11
N VAL G 48 -15.45 20.35 -17.96
CA VAL G 48 -15.24 19.13 -17.19
C VAL G 48 -15.49 19.33 -15.70
N ALA G 49 -14.94 20.41 -15.14
CA ALA G 49 -15.08 20.69 -13.73
C ALA G 49 -16.53 20.92 -13.33
N PHE G 50 -17.25 21.73 -14.10
CA PHE G 50 -18.64 22.03 -13.81
C PHE G 50 -19.56 20.84 -14.12
N SER G 51 -19.15 19.98 -15.03
CA SER G 51 -19.88 18.74 -15.29
C SER G 51 -19.83 17.86 -14.05
N ALA G 52 -18.64 17.73 -13.48
CA ALA G 52 -18.44 16.93 -12.28
C ALA G 52 -19.26 17.50 -11.12
N VAL G 53 -19.27 18.82 -10.98
CA VAL G 53 -20.03 19.48 -9.94
C VAL G 53 -21.53 19.22 -10.10
N LEU G 54 -22.06 19.44 -11.30
CA LEU G 54 -23.48 19.23 -11.57
C LEU G 54 -23.88 17.77 -11.34
N ARG G 55 -23.00 16.86 -11.73
CA ARG G 55 -23.26 15.43 -11.58
C ARG G 55 -23.16 14.97 -10.14
N ASN G 56 -22.08 15.34 -9.47
CA ASN G 56 -21.80 14.83 -8.12
C ASN G 56 -22.68 15.44 -7.04
N ARG G 57 -23.24 16.62 -7.31
CA ARG G 57 -24.17 17.25 -6.39
C ARG G 57 -25.61 16.81 -6.63
N ASN G 58 -25.79 15.97 -7.66
CA ASN G 58 -27.11 15.50 -8.06
C ASN G 58 -28.05 16.64 -8.42
N ILE G 59 -27.50 17.69 -9.01
CA ILE G 59 -28.31 18.77 -9.57
C ILE G 59 -28.95 18.29 -10.86
N LEU G 60 -28.17 17.54 -11.64
CA LEU G 60 -28.66 16.90 -12.86
C LEU G 60 -28.54 15.39 -12.75
N GLY G 61 -29.50 14.70 -13.37
CA GLY G 61 -29.52 13.24 -13.37
C GLY G 61 -28.45 12.64 -14.25
N GLN G 62 -28.21 11.34 -14.09
CA GLN G 62 -27.16 10.63 -14.80
C GLN G 62 -27.40 10.61 -16.31
N GLU G 63 -28.66 10.79 -16.70
CA GLU G 63 -29.06 10.74 -18.11
C GLU G 63 -28.61 11.97 -18.90
N TYR G 64 -27.96 12.92 -18.23
CA TYR G 64 -27.47 14.11 -18.91
C TYR G 64 -25.96 14.10 -19.05
N PHE G 65 -25.34 12.99 -18.69
CA PHE G 65 -23.89 12.92 -18.69
C PHE G 65 -23.34 11.70 -19.43
N THR G 66 -22.24 11.91 -20.15
CA THR G 66 -21.53 10.81 -20.79
C THR G 66 -20.29 10.43 -19.98
N LYS G 67 -20.05 9.13 -19.86
CA LYS G 67 -18.84 8.64 -19.22
C LYS G 67 -17.63 9.00 -20.06
N ASN G 68 -16.62 9.58 -19.43
CA ASN G 68 -15.41 9.99 -20.14
C ASN G 68 -14.15 9.80 -19.30
N TYR G 69 -13.03 9.62 -20.00
CA TYR G 69 -11.73 9.58 -19.36
C TYR G 69 -11.08 10.96 -19.36
N ILE G 70 -10.68 11.43 -18.19
CA ILE G 70 -9.81 12.58 -18.11
C ILE G 70 -8.38 12.11 -18.38
N THR G 71 -7.97 11.08 -17.64
CA THR G 71 -6.68 10.43 -17.86
C THR G 71 -6.87 8.91 -17.77
N GLU G 72 -5.78 8.17 -17.90
CA GLU G 72 -5.84 6.73 -17.78
C GLU G 72 -6.14 6.33 -16.34
N LYS G 73 -5.90 7.26 -15.43
CA LYS G 73 -6.10 7.01 -14.01
C LYS G 73 -7.50 7.41 -13.51
N LEU G 74 -8.16 8.31 -14.22
CA LEU G 74 -9.39 8.91 -13.70
C LEU G 74 -10.52 9.02 -14.73
N LYS G 75 -11.72 8.59 -14.32
CA LYS G 75 -12.92 8.77 -15.12
C LYS G 75 -13.67 10.02 -14.67
N CYS G 76 -14.67 10.42 -15.46
CA CYS G 76 -15.53 11.56 -15.08
C CYS G 76 -16.80 11.62 -15.92
N MET G 77 -17.90 11.98 -15.26
CA MET G 77 -19.17 12.19 -15.96
C MET G 77 -19.20 13.60 -16.51
N THR G 78 -19.39 13.73 -17.81
CA THR G 78 -19.42 15.03 -18.46
C THR G 78 -20.71 15.23 -19.25
N LEU G 79 -21.12 16.48 -19.37
CA LEU G 79 -22.40 16.83 -19.98
C LEU G 79 -22.55 16.24 -21.38
N CYS G 80 -23.69 15.59 -21.60
CA CYS G 80 -23.95 14.90 -22.86
C CYS G 80 -24.23 15.88 -23.99
N PHE G 81 -23.45 15.75 -25.06
CA PHE G 81 -23.63 16.55 -26.26
C PHE G 81 -24.80 16.05 -27.10
N ARG G 82 -25.35 14.89 -26.73
CA ARG G 82 -26.39 14.26 -27.53
C ARG G 82 -27.77 14.35 -26.87
N ASN G 83 -27.83 15.02 -25.72
CA ASN G 83 -29.10 15.34 -25.08
C ASN G 83 -29.40 16.82 -25.26
N LEU G 84 -30.67 17.16 -25.40
CA LEU G 84 -31.08 18.52 -25.72
C LEU G 84 -30.64 19.54 -24.67
N ARG G 85 -31.01 19.27 -23.42
CA ARG G 85 -30.79 20.22 -22.34
C ARG G 85 -29.33 20.29 -21.89
N SER G 86 -28.66 19.14 -21.83
CA SER G 86 -27.28 19.09 -21.39
C SER G 86 -26.38 19.78 -22.43
N ASN G 87 -26.83 19.77 -23.67
CA ASN G 87 -26.13 20.45 -24.74
C ASN G 87 -26.16 21.97 -24.58
N GLN G 88 -27.32 22.47 -24.15
CA GLN G 88 -27.47 23.90 -23.91
C GLN G 88 -26.62 24.35 -22.73
N ILE G 89 -26.55 23.51 -21.70
CA ILE G 89 -25.74 23.82 -20.54
C ILE G 89 -24.26 23.75 -20.89
N ALA G 90 -23.89 22.78 -21.72
CA ALA G 90 -22.51 22.69 -22.20
C ALA G 90 -22.21 23.87 -23.13
N GLN G 91 -23.22 24.30 -23.87
CA GLN G 91 -23.12 25.46 -24.75
C GLN G 91 -22.87 26.73 -23.94
N LEU G 92 -23.54 26.83 -22.79
CA LEU G 92 -23.37 27.97 -21.91
C LEU G 92 -21.92 28.12 -21.45
N LEU G 93 -21.35 27.00 -20.99
CA LEU G 93 -19.99 27.01 -20.47
C LEU G 93 -18.95 27.28 -21.55
N ARG G 94 -19.23 26.83 -22.77
CA ARG G 94 -18.33 27.04 -23.88
C ARG G 94 -18.28 28.52 -24.24
N ASN G 95 -19.43 29.18 -24.14
CA ASN G 95 -19.52 30.62 -24.36
C ASN G 95 -18.70 31.39 -23.33
N ALA G 96 -18.79 30.96 -22.07
CA ALA G 96 -18.04 31.59 -21.00
C ALA G 96 -16.54 31.33 -21.17
N GLY G 97 -16.20 30.12 -21.57
CA GLY G 97 -14.81 29.73 -21.71
C GLY G 97 -14.12 30.41 -22.88
N ASP G 98 -14.90 30.84 -23.86
CA ASP G 98 -14.35 31.52 -25.03
C ASP G 98 -13.98 32.96 -24.71
N ALA G 99 -14.59 33.51 -23.65
CA ALA G 99 -14.27 34.86 -23.20
C ALA G 99 -12.88 34.89 -22.58
N THR G 100 -12.37 33.72 -22.22
CA THR G 100 -11.03 33.58 -21.64
C THR G 100 -9.95 33.96 -22.66
N LYS G 101 -10.28 33.81 -23.94
CA LYS G 101 -9.34 34.10 -25.02
C LYS G 101 -8.81 35.53 -24.99
N ASP G 102 -9.69 36.51 -24.82
CA ASP G 102 -9.31 37.91 -24.87
C ASP G 102 -9.06 38.48 -23.47
N GLY G 103 -9.19 37.63 -22.46
CA GLY G 103 -9.04 38.06 -21.08
C GLY G 103 -10.23 38.90 -20.61
N PHE G 104 -11.42 38.48 -21.02
CA PHE G 104 -12.64 39.22 -20.71
C PHE G 104 -13.43 38.61 -19.54
N LEU G 105 -13.13 37.39 -19.16
CA LEU G 105 -13.92 36.77 -18.13
C LEU G 105 -13.23 36.71 -16.76
N LYS G 106 -13.72 37.49 -15.80
CA LYS G 106 -13.24 37.41 -14.42
C LYS G 106 -13.56 36.13 -13.66
N GLU G 107 -14.80 35.67 -13.79
CA GLU G 107 -15.23 34.49 -13.09
C GLU G 107 -16.47 33.84 -13.72
N VAL G 108 -16.59 32.53 -13.58
CA VAL G 108 -17.86 31.84 -13.77
C VAL G 108 -18.13 30.96 -12.56
N SER G 109 -19.33 31.05 -12.01
CA SER G 109 -19.66 30.30 -10.80
C SER G 109 -21.04 29.66 -10.90
N LEU G 110 -21.14 28.44 -10.37
CA LEU G 110 -22.43 27.81 -10.21
C LEU G 110 -23.03 28.27 -8.89
N VAL G 111 -24.18 28.93 -8.97
CA VAL G 111 -24.78 29.54 -7.80
C VAL G 111 -26.10 28.88 -7.42
N ILE G 112 -26.13 28.28 -6.24
CA ILE G 112 -27.32 27.60 -5.75
C ILE G 112 -28.03 28.44 -4.70
N THR G 113 -29.31 28.73 -4.95
CA THR G 113 -30.12 29.52 -4.04
C THR G 113 -31.45 28.85 -3.76
N ASN G 114 -32.18 29.37 -2.77
CA ASN G 114 -33.51 28.88 -2.47
C ASN G 114 -34.52 29.18 -3.58
N ASN G 115 -34.43 30.38 -4.14
CA ASN G 115 -35.35 30.79 -5.20
C ASN G 115 -34.63 31.39 -6.39
N GLU G 116 -35.34 31.49 -7.51
CA GLU G 116 -34.79 32.00 -8.75
C GLU G 116 -35.23 33.43 -9.04
N GLY G 117 -34.31 34.38 -8.91
CA GLY G 117 -32.97 34.10 -8.45
C GLY G 117 -32.59 35.03 -7.31
N ASP G 118 -32.39 34.46 -6.13
CA ASP G 118 -31.98 35.24 -4.97
C ASP G 118 -30.54 35.72 -5.14
N LEU G 119 -30.17 36.73 -4.35
CA LEU G 119 -28.81 37.28 -4.40
C LEU G 119 -27.87 36.51 -3.49
N GLU G 120 -28.36 36.17 -2.30
CA GLU G 120 -27.57 35.42 -1.33
C GLU G 120 -27.64 33.94 -1.63
N ALA G 121 -26.48 33.30 -1.69
CA ALA G 121 -26.39 31.92 -2.14
C ALA G 121 -26.29 30.92 -1.00
N ILE G 122 -26.97 29.78 -1.16
CA ILE G 122 -26.81 28.64 -0.29
C ILE G 122 -25.44 27.99 -0.50
N GLU G 123 -25.05 27.88 -1.77
CA GLU G 123 -23.84 27.17 -2.15
C GLU G 123 -23.29 27.67 -3.48
N VAL G 124 -21.96 27.81 -3.56
CA VAL G 124 -21.33 28.32 -4.78
C VAL G 124 -20.10 27.51 -5.19
N PHE G 125 -20.05 27.12 -6.46
CA PHE G 125 -18.85 26.55 -7.05
C PHE G 125 -18.25 27.55 -8.03
N SER G 126 -17.20 28.24 -7.60
CA SER G 126 -16.66 29.37 -8.35
C SER G 126 -15.36 29.04 -9.08
N MET G 127 -15.24 29.50 -10.30
CA MET G 127 -13.97 29.46 -11.01
C MET G 127 -13.53 30.89 -11.31
N LYS G 128 -12.40 31.28 -10.76
CA LYS G 128 -11.91 32.65 -10.89
C LYS G 128 -10.62 32.71 -11.70
N PHE G 129 -10.51 33.70 -12.58
CA PHE G 129 -9.45 33.71 -13.59
C PHE G 129 -8.50 34.90 -13.53
N ILE G 130 -7.30 34.70 -14.07
CA ILE G 130 -6.26 35.72 -14.16
C ILE G 130 -5.50 35.53 -15.47
N TYR G 131 -5.02 36.62 -16.05
CA TYR G 131 -4.35 36.54 -17.34
C TYR G 131 -2.92 37.08 -17.28
N PHE G 132 -2.07 36.58 -18.18
CA PHE G 132 -0.67 36.95 -18.18
C PHE G 132 -0.34 37.75 -19.45
N GLU G 133 0.51 38.76 -19.29
CA GLU G 133 0.70 39.80 -20.30
C GLU G 133 1.19 39.32 -21.66
N ASN G 134 2.40 38.80 -21.71
CA ASN G 134 2.93 38.14 -22.89
C ASN G 134 4.06 37.26 -22.41
N GLY G 135 4.21 36.07 -22.98
CA GLY G 135 5.25 35.16 -22.55
C GLY G 135 4.75 34.36 -21.36
N GLY G 136 3.60 34.78 -20.83
CA GLY G 136 2.90 34.05 -19.79
C GLY G 136 3.55 34.04 -18.42
N VAL G 137 4.31 35.09 -18.09
CA VAL G 137 5.00 35.14 -16.80
C VAL G 137 4.41 36.17 -15.84
N VAL G 138 4.27 37.42 -16.29
CA VAL G 138 3.74 38.48 -15.45
C VAL G 138 2.23 38.60 -15.60
N ALA G 139 1.52 38.53 -14.48
CA ALA G 139 0.07 38.54 -14.48
C ALA G 139 -0.50 39.93 -14.71
N ARG G 140 -1.63 39.98 -15.43
CA ARG G 140 -2.39 41.22 -15.53
C ARG G 140 -3.10 41.47 -14.20
N LEU G 141 -3.05 42.71 -13.72
CA LEU G 141 -3.71 43.07 -12.47
C LEU G 141 -5.22 42.84 -12.52
N SER G 142 -5.75 42.26 -11.45
CA SER G 142 -7.19 42.05 -11.32
C SER G 142 -7.69 42.81 -10.10
N THR G 143 -8.45 43.89 -10.30
CA THR G 143 -8.80 44.75 -9.16
C THR G 143 -10.30 45.08 -9.05
N ASP G 144 -10.70 45.77 -7.98
CA ASP G 144 -12.11 46.00 -7.70
C ASP G 144 -12.63 47.20 -8.47
N LYS G 145 -13.90 47.50 -8.23
CA LYS G 145 -14.51 48.75 -8.73
C LYS G 145 -14.00 49.86 -7.80
N ASN G 146 -13.40 49.41 -6.71
CA ASN G 146 -12.78 50.30 -5.74
C ASN G 146 -11.27 50.42 -5.97
N GLY G 147 -10.76 49.57 -6.86
CA GLY G 147 -9.33 49.55 -7.17
C GLY G 147 -8.58 48.62 -6.25
N GLN G 148 -9.31 47.89 -5.43
CA GLN G 148 -8.72 46.94 -4.49
C GLN G 148 -8.41 45.61 -5.18
N GLU G 149 -7.25 45.05 -4.87
CA GLU G 149 -6.79 43.80 -5.48
C GLU G 149 -7.80 42.67 -5.30
N ASP G 150 -8.15 41.99 -6.38
CA ASP G 150 -9.08 40.87 -6.32
C ASP G 150 -8.53 39.78 -5.40
N PRO G 151 -9.41 39.16 -4.59
CA PRO G 151 -9.02 38.16 -3.59
C PRO G 151 -8.21 36.99 -4.14
N HIS G 152 -8.55 36.54 -5.35
CA HIS G 152 -7.93 35.35 -5.91
C HIS G 152 -6.67 35.66 -6.71
N PHE G 153 -6.32 36.95 -6.78
CA PHE G 153 -5.22 37.38 -7.63
C PHE G 153 -3.84 36.93 -7.12
N ALA G 154 -3.53 37.22 -5.87
CA ALA G 154 -2.19 36.98 -5.33
C ALA G 154 -1.72 35.54 -5.48
N LYS G 155 -2.58 34.60 -5.10
CA LYS G 155 -2.25 33.18 -5.16
C LYS G 155 -1.95 32.70 -6.57
N LEU G 156 -2.75 33.15 -7.53
CA LEU G 156 -2.60 32.74 -8.91
C LEU G 156 -1.42 33.42 -9.60
N ALA G 157 -1.18 34.68 -9.25
CA ALA G 157 -0.13 35.46 -9.91
C ALA G 157 1.26 34.97 -9.56
N GLN G 158 1.41 34.35 -8.40
CA GLN G 158 2.70 33.81 -7.97
C GLN G 158 2.95 32.42 -8.53
N LEU G 159 1.96 31.86 -9.21
CA LEU G 159 2.12 30.55 -9.84
C LEU G 159 2.96 30.64 -11.10
N VAL G 160 3.73 29.59 -11.36
CA VAL G 160 4.55 29.53 -12.56
C VAL G 160 4.14 28.33 -13.41
N TYR G 161 4.08 28.52 -14.73
CA TYR G 161 3.75 27.44 -15.64
C TYR G 161 4.84 26.37 -15.59
N GLU G 162 4.47 25.20 -15.08
CA GLU G 162 5.45 24.14 -14.82
C GLU G 162 5.42 23.01 -15.83
N GLY G 163 4.81 23.27 -16.99
CA GLY G 163 4.75 22.27 -18.05
C GLY G 163 3.40 21.58 -18.17
N GLY G 164 3.25 20.82 -19.26
CA GLY G 164 1.98 20.19 -19.58
C GLY G 164 1.45 19.21 -18.55
N ASP G 165 2.33 18.34 -18.05
CA ASP G 165 1.92 17.33 -17.07
C ASP G 165 1.47 17.95 -15.75
N SER G 166 2.02 19.11 -15.41
CA SER G 166 1.60 19.82 -14.22
C SER G 166 0.15 20.24 -14.35
N VAL G 167 -0.19 20.75 -15.53
CA VAL G 167 -1.56 21.13 -15.86
C VAL G 167 -2.48 19.92 -15.79
N ARG G 168 -2.01 18.79 -16.31
CA ARG G 168 -2.74 17.54 -16.31
C ARG G 168 -3.11 17.11 -14.90
N ASP G 169 -2.14 17.17 -14.00
CA ASP G 169 -2.33 16.78 -12.60
C ASP G 169 -3.28 17.72 -11.88
N GLN G 170 -3.24 18.99 -12.23
CA GLN G 170 -4.15 19.99 -11.66
C GLN G 170 -5.60 19.67 -12.02
N MET G 171 -5.82 19.23 -13.24
CA MET G 171 -7.16 18.86 -13.68
C MET G 171 -7.66 17.64 -12.93
N VAL G 172 -6.77 16.66 -12.76
CA VAL G 172 -7.08 15.46 -12.01
C VAL G 172 -7.37 15.80 -10.55
N THR G 173 -6.54 16.70 -10.00
CA THR G 173 -6.71 17.15 -8.62
C THR G 173 -8.07 17.79 -8.38
N ILE G 174 -8.43 18.71 -9.27
CA ILE G 174 -9.70 19.42 -9.19
C ILE G 174 -10.91 18.49 -9.20
N VAL G 175 -10.92 17.57 -10.16
CA VAL G 175 -12.05 16.66 -10.36
C VAL G 175 -12.22 15.72 -9.17
N ARG G 176 -11.11 15.15 -8.70
CA ARG G 176 -11.14 14.28 -7.53
C ARG G 176 -11.58 15.05 -6.29
N SER G 177 -11.25 16.33 -6.23
CA SER G 177 -11.68 17.18 -5.13
C SER G 177 -13.19 17.37 -5.13
N VAL G 178 -13.75 17.60 -6.30
CA VAL G 178 -15.21 17.71 -6.45
C VAL G 178 -15.90 16.43 -6.03
N GLN G 179 -15.38 15.30 -6.51
CA GLN G 179 -15.92 14.00 -6.15
C GLN G 179 -15.84 13.81 -4.64
N PHE G 180 -14.72 14.18 -4.05
CA PHE G 180 -14.54 14.07 -2.61
C PHE G 180 -15.49 15.00 -1.84
N LEU G 181 -15.57 16.27 -2.26
CA LEU G 181 -16.43 17.25 -1.61
C LEU G 181 -17.88 16.81 -1.59
N CYS G 182 -18.36 16.33 -2.74
CA CYS G 182 -19.76 15.94 -2.87
C CYS G 182 -20.06 14.60 -2.22
N THR G 183 -19.03 13.78 -2.01
CA THR G 183 -19.23 12.47 -1.40
C THR G 183 -19.07 12.49 0.14
N LYS G 184 -18.07 13.21 0.62
CA LYS G 184 -17.69 13.10 2.03
C LYS G 184 -17.89 14.37 2.87
N VAL G 185 -18.02 15.52 2.21
CA VAL G 185 -18.05 16.79 2.95
C VAL G 185 -19.42 17.46 2.92
N LEU G 186 -19.95 17.72 1.72
CA LEU G 186 -21.17 18.48 1.58
C LEU G 186 -22.42 17.72 2.00
N GLU G 187 -23.25 18.36 2.82
CA GLU G 187 -24.56 17.84 3.17
C GLU G 187 -25.51 17.93 1.98
N PRO G 188 -26.57 17.09 1.95
CA PRO G 188 -27.46 17.11 0.78
C PRO G 188 -28.19 18.44 0.59
N LEU G 189 -28.37 18.82 -0.67
CA LEU G 189 -29.09 20.03 -1.02
C LEU G 189 -30.55 19.94 -0.62
N PRO G 190 -31.20 21.09 -0.43
CA PRO G 190 -32.63 21.11 -0.08
C PRO G 190 -33.49 20.49 -1.18
N GLU G 191 -34.73 20.14 -0.84
CA GLU G 191 -35.65 19.58 -1.81
C GLU G 191 -35.93 20.57 -2.94
N GLU G 192 -36.06 21.85 -2.58
CA GLU G 192 -36.29 22.89 -3.57
C GLU G 192 -35.14 23.89 -3.60
N PHE G 193 -34.55 24.05 -4.77
CA PHE G 193 -33.45 24.99 -4.98
C PHE G 193 -33.44 25.44 -6.43
N THR G 194 -32.66 26.48 -6.72
CA THR G 194 -32.42 26.88 -8.09
C THR G 194 -30.93 27.04 -8.31
N ALA G 195 -30.42 26.44 -9.38
CA ALA G 195 -29.00 26.55 -9.69
C ALA G 195 -28.79 27.16 -11.06
N ASN G 196 -28.17 28.34 -11.08
CA ASN G 196 -27.88 29.02 -12.33
C ASN G 196 -26.41 29.40 -12.43
N PHE G 197 -25.97 29.75 -13.62
CA PHE G 197 -24.59 30.19 -13.82
C PHE G 197 -24.52 31.71 -13.82
N ARG G 198 -23.65 32.25 -12.99
CA ARG G 198 -23.46 33.69 -12.89
C ARG G 198 -21.99 34.03 -13.11
N LEU G 199 -21.72 35.02 -13.94
CA LEU G 199 -20.35 35.39 -14.24
C LEU G 199 -20.08 36.88 -14.07
N GLU G 200 -18.80 37.23 -13.98
CA GLU G 200 -18.37 38.63 -13.95
C GLU G 200 -17.42 38.93 -15.11
N TYR G 201 -17.66 40.04 -15.79
CA TYR G 201 -16.76 40.50 -16.85
C TYR G 201 -15.58 41.24 -16.26
N THR G 202 -14.41 41.12 -16.88
CA THR G 202 -13.27 41.93 -16.47
C THR G 202 -13.44 43.35 -16.98
N ASN G 203 -12.65 44.27 -16.43
CA ASN G 203 -12.72 45.67 -16.84
C ASN G 203 -12.23 45.87 -18.27
N ASP G 204 -11.34 45.00 -18.73
CA ASP G 204 -10.79 45.09 -20.08
C ASP G 204 -11.90 44.89 -21.11
N ALA G 205 -12.88 44.05 -20.77
CA ALA G 205 -13.98 43.74 -21.67
C ALA G 205 -14.78 45.01 -22.02
N PRO G 206 -14.89 45.30 -23.34
CA PRO G 206 -15.59 46.48 -23.84
C PRO G 206 -17.11 46.36 -23.70
N SER G 207 -17.82 47.47 -23.89
CA SER G 207 -19.28 47.49 -23.76
C SER G 207 -19.94 46.66 -24.86
N ASN G 208 -19.30 46.56 -26.01
CA ASN G 208 -19.85 45.80 -27.12
C ASN G 208 -19.80 44.30 -26.88
N PHE G 209 -18.90 43.87 -26.00
CA PHE G 209 -18.73 42.45 -25.70
C PHE G 209 -19.81 41.94 -24.75
N ARG G 210 -20.43 40.82 -25.12
CA ARG G 210 -21.38 40.13 -24.25
C ARG G 210 -21.34 38.63 -24.52
N ILE G 211 -21.39 37.84 -23.45
CA ILE G 211 -21.32 36.40 -23.59
C ILE G 211 -22.70 35.78 -23.80
N ASP G 212 -22.82 35.00 -24.86
CA ASP G 212 -24.09 34.38 -25.22
C ASP G 212 -24.62 33.48 -24.12
N GLY G 213 -25.90 33.68 -23.78
CA GLY G 213 -26.55 32.89 -22.76
C GLY G 213 -26.60 33.57 -21.40
N PHE G 214 -25.75 34.57 -21.21
CA PHE G 214 -25.72 35.29 -19.94
C PHE G 214 -26.27 36.69 -20.08
N GLU G 215 -27.37 36.96 -19.37
CA GLU G 215 -28.01 38.28 -19.39
C GLU G 215 -27.23 39.28 -18.56
N ASP G 216 -27.26 40.54 -18.99
CA ASP G 216 -26.60 41.63 -18.26
C ASP G 216 -27.23 41.81 -16.88
N SER G 217 -26.39 42.06 -15.89
CA SER G 217 -26.86 42.20 -14.51
C SER G 217 -25.97 43.12 -13.70
N SER G 218 -26.60 44.01 -12.93
CA SER G 218 -25.85 44.90 -12.06
C SER G 218 -25.53 44.21 -10.74
N THR G 219 -26.05 42.99 -10.59
CA THR G 219 -25.82 42.20 -9.39
C THR G 219 -25.18 40.86 -9.72
N PHE G 220 -24.44 40.33 -8.76
CA PHE G 220 -23.72 39.08 -8.93
C PHE G 220 -24.31 37.99 -8.06
N TYR G 221 -23.67 37.76 -6.92
CA TYR G 221 -24.20 36.89 -5.89
C TYR G 221 -23.53 37.27 -4.57
N THR G 222 -24.16 36.92 -3.45
CA THR G 222 -23.59 37.20 -2.15
C THR G 222 -23.57 35.96 -1.28
N LEU G 223 -22.63 35.94 -0.33
CA LEU G 223 -22.51 34.85 0.63
C LEU G 223 -22.88 35.34 2.02
N PRO G 224 -23.55 34.49 2.82
CA PRO G 224 -23.76 34.84 4.23
C PRO G 224 -22.44 34.91 4.98
N ASP G 225 -22.44 35.59 6.13
CA ASP G 225 -21.21 35.87 6.86
C ASP G 225 -20.55 34.64 7.48
N ASP G 226 -21.34 33.62 7.76
CA ASP G 226 -20.82 32.40 8.41
C ASP G 226 -20.56 31.29 7.40
N ILE G 227 -20.31 31.66 6.15
CA ILE G 227 -20.14 30.66 5.10
C ILE G 227 -18.81 29.92 5.22
N GLN G 228 -18.86 28.61 5.02
CA GLN G 228 -17.66 27.79 5.04
C GLN G 228 -17.17 27.54 3.63
N SER G 229 -15.86 27.47 3.46
CA SER G 229 -15.28 27.28 2.14
C SER G 229 -14.29 26.12 2.08
N ALA G 230 -13.97 25.71 0.86
CA ALA G 230 -12.97 24.68 0.62
C ALA G 230 -12.34 24.90 -0.75
N THR G 231 -11.05 24.63 -0.86
CA THR G 231 -10.34 24.83 -2.12
C THR G 231 -10.43 23.59 -2.98
N ILE G 232 -11.06 23.71 -4.15
CA ILE G 232 -11.18 22.60 -5.08
C ILE G 232 -9.87 22.39 -5.83
N GLY G 233 -9.30 23.47 -6.34
CA GLY G 233 -8.01 23.40 -7.01
C GLY G 233 -7.72 24.53 -7.97
N HIS G 234 -6.47 24.63 -8.39
CA HIS G 234 -6.04 25.70 -9.30
C HIS G 234 -5.55 25.14 -10.62
N LEU G 235 -5.53 25.98 -11.65
CA LEU G 235 -5.03 25.62 -12.96
C LEU G 235 -3.99 26.62 -13.46
N ARG G 236 -2.89 26.11 -14.00
CA ARG G 236 -1.86 26.99 -14.55
C ARG G 236 -1.34 26.49 -15.89
N PRO G 237 -2.13 26.69 -16.96
CA PRO G 237 -1.58 26.48 -18.30
C PRO G 237 -0.63 27.61 -18.68
N GLY G 238 -0.19 27.63 -19.93
CA GLY G 238 0.86 28.54 -20.36
C GLY G 238 0.61 30.01 -20.12
N CYS G 239 -0.58 30.49 -20.48
CA CYS G 239 -0.88 31.91 -20.42
C CYS G 239 -2.13 32.24 -19.61
N HIS G 240 -2.64 31.28 -18.84
CA HIS G 240 -3.83 31.53 -18.03
C HIS G 240 -3.73 30.92 -16.64
N ALA G 241 -4.51 31.44 -15.71
CA ALA G 241 -4.55 30.92 -14.37
C ALA G 241 -5.97 30.93 -13.82
N ALA G 242 -6.32 29.88 -13.07
CA ALA G 242 -7.64 29.78 -12.48
C ALA G 242 -7.58 29.14 -11.11
N ASN G 243 -8.56 29.48 -10.27
CA ASN G 243 -8.71 28.87 -8.96
C ASN G 243 -10.17 28.52 -8.71
N MET G 244 -10.42 27.26 -8.38
CA MET G 244 -11.79 26.80 -8.15
C MET G 244 -12.01 26.55 -6.66
N GLU G 245 -13.12 27.05 -6.14
CA GLU G 245 -13.43 26.92 -4.73
C GLU G 245 -14.89 26.53 -4.51
N CYS G 246 -15.17 25.97 -3.35
CA CYS G 246 -16.55 25.67 -2.98
C CYS G 246 -16.96 26.47 -1.76
N TRP G 247 -18.06 27.20 -1.88
CA TRP G 247 -18.65 27.90 -0.75
C TRP G 247 -20.00 27.29 -0.46
N SER G 248 -20.30 27.03 0.81
CA SER G 248 -21.53 26.34 1.14
C SER G 248 -21.96 26.51 2.60
N MET G 249 -23.27 26.43 2.81
CA MET G 249 -23.85 26.36 4.14
C MET G 249 -23.90 24.91 4.62
N LEU G 250 -23.59 23.99 3.71
CA LEU G 250 -23.83 22.57 3.95
C LEU G 250 -22.56 21.75 4.08
N MET G 251 -21.46 22.37 4.49
CA MET G 251 -20.21 21.63 4.66
C MET G 251 -20.16 20.88 5.98
N SER G 252 -19.54 19.70 5.95
CA SER G 252 -19.36 18.89 7.15
C SER G 252 -20.69 18.56 7.82
N ALA H 3 -25.21 46.86 -26.12
CA ALA H 3 -24.30 47.60 -25.25
C ALA H 3 -24.45 47.18 -23.79
N ARG H 4 -23.38 46.61 -23.24
CA ARG H 4 -23.38 46.13 -21.87
C ARG H 4 -22.72 47.14 -20.93
N ASP H 5 -23.49 47.67 -19.98
CA ASP H 5 -22.96 48.59 -18.99
C ASP H 5 -22.54 47.84 -17.71
N SER H 6 -23.24 46.76 -17.40
CA SER H 6 -23.02 46.01 -16.16
C SER H 6 -21.84 45.04 -16.22
N PRO H 7 -21.32 44.63 -15.05
CA PRO H 7 -20.19 43.71 -15.04
C PRO H 7 -20.55 42.26 -14.73
N TYR H 8 -21.84 41.92 -14.76
CA TYR H 8 -22.25 40.56 -14.43
C TYR H 8 -23.17 39.93 -15.46
N GLY H 9 -23.12 38.60 -15.52
CA GLY H 9 -23.96 37.85 -16.43
C GLY H 9 -24.73 36.73 -15.74
N LEU H 10 -26.04 36.71 -15.94
CA LEU H 10 -26.89 35.68 -15.35
C LEU H 10 -27.45 34.77 -16.42
N SER H 11 -27.31 33.46 -16.22
CA SER H 11 -27.86 32.47 -17.15
C SER H 11 -29.20 31.94 -16.64
N GLN H 12 -29.93 31.28 -17.52
CA GLN H 12 -31.16 30.61 -17.11
C GLN H 12 -30.81 29.42 -16.22
N GLY H 13 -31.65 29.14 -15.24
CA GLY H 13 -31.31 28.21 -14.20
C GLY H 13 -31.84 26.80 -14.34
N ILE H 14 -31.44 25.96 -13.39
CA ILE H 14 -31.98 24.62 -13.24
C ILE H 14 -32.74 24.56 -11.92
N THR H 15 -34.02 24.21 -11.98
CA THR H 15 -34.89 24.31 -10.80
C THR H 15 -35.45 22.97 -10.35
N LYS H 16 -35.27 22.68 -9.06
CA LYS H 16 -35.79 21.47 -8.46
C LYS H 16 -36.58 21.80 -7.19
#